data_7JRH
# 
_entry.id   7JRH 
# 
_audit_conform.dict_name       mmcif_pdbx.dic 
_audit_conform.dict_version    5.403 
_audit_conform.dict_location   http://mmcif.pdb.org/dictionaries/ascii/mmcif_pdbx.dic 
# 
loop_
_database_2.database_id 
_database_2.database_code 
_database_2.pdbx_database_accession 
_database_2.pdbx_DOI 
PDB   7JRH         pdb_00007jrh 10.2210/pdb7jrh/pdb 
WWPDB D_1000251284 ?            ?                   
# 
loop_
_pdbx_audit_revision_history.ordinal 
_pdbx_audit_revision_history.data_content_type 
_pdbx_audit_revision_history.major_revision 
_pdbx_audit_revision_history.minor_revision 
_pdbx_audit_revision_history.revision_date 
_pdbx_audit_revision_history.part_number 
1 'Structure model' 1 0 2020-09-09 ? 
2 'Structure model' 1 1 2020-09-30 ? 
3 'Structure model' 1 2 2025-04-02 ? 
# 
_pdbx_audit_revision_details.ordinal             1 
_pdbx_audit_revision_details.revision_ordinal    1 
_pdbx_audit_revision_details.data_content_type   'Structure model' 
_pdbx_audit_revision_details.provider            repository 
_pdbx_audit_revision_details.type                'Initial release' 
_pdbx_audit_revision_details.description         ? 
_pdbx_audit_revision_details.details             ? 
# 
loop_
_pdbx_audit_revision_group.ordinal 
_pdbx_audit_revision_group.revision_ordinal 
_pdbx_audit_revision_group.data_content_type 
_pdbx_audit_revision_group.group 
1 2 'Structure model' 'Database references' 
2 3 'Structure model' 'Data collection'     
3 3 'Structure model' 'Database references' 
4 3 'Structure model' 'Structure summary'   
# 
loop_
_pdbx_audit_revision_category.ordinal 
_pdbx_audit_revision_category.revision_ordinal 
_pdbx_audit_revision_category.data_content_type 
_pdbx_audit_revision_category.category 
1 2 'Structure model' citation                  
2 3 'Structure model' chem_comp_atom            
3 3 'Structure model' chem_comp_bond            
4 3 'Structure model' database_2                
5 3 'Structure model' pdbx_entry_details        
6 3 'Structure model' pdbx_modification_feature 
# 
loop_
_pdbx_audit_revision_item.ordinal 
_pdbx_audit_revision_item.revision_ordinal 
_pdbx_audit_revision_item.data_content_type 
_pdbx_audit_revision_item.item 
1 2 'Structure model' '_citation.journal_volume'                     
2 2 'Structure model' '_citation.page_first'                         
3 2 'Structure model' '_citation.page_last'                          
4 2 'Structure model' '_citation.title'                              
5 3 'Structure model' '_database_2.pdbx_DOI'                         
6 3 'Structure model' '_database_2.pdbx_database_accession'          
7 3 'Structure model' '_pdbx_entry_details.has_protein_modification' 
# 
_pdbx_database_status.status_code                     REL 
_pdbx_database_status.status_code_sf                  REL 
_pdbx_database_status.status_code_mr                  ? 
_pdbx_database_status.entry_id                        7JRH 
_pdbx_database_status.recvd_initial_deposition_date   2020-08-12 
_pdbx_database_status.SG_entry                        N 
_pdbx_database_status.deposit_site                    RCSB 
_pdbx_database_status.process_site                    RCSB 
_pdbx_database_status.status_code_cs                  ? 
_pdbx_database_status.status_code_nmr_data            ? 
_pdbx_database_status.methods_development_category    ? 
_pdbx_database_status.pdb_format_compatible           Y 
# 
loop_
_audit_author.name 
_audit_author.pdbx_ordinal 
_audit_author.identifier_ORCID 
'Wierzbicki, M.' 1 0000-0002-9217-634X 
'Howitz, W.J.'   2 0000-0001-6323-7126 
'Nowick, J.S.'   3 0000-0002-2273-1029 
# 
_citation.abstract                  ? 
_citation.abstract_id_CAS           ? 
_citation.book_id_ISBN              ? 
_citation.book_publisher            ? 
_citation.book_publisher_city       ? 
_citation.book_title                ? 
_citation.coordinate_linkage        ? 
_citation.country                   US 
_citation.database_id_Medline       ? 
_citation.details                   ? 
_citation.id                        primary 
_citation.journal_abbrev            J.Am.Chem.Soc. 
_citation.journal_id_ASTM           JACSAT 
_citation.journal_id_CSD            ? 
_citation.journal_id_ISSN           1520-5126 
_citation.journal_full              ? 
_citation.journal_issue             ? 
_citation.journal_volume            142 
_citation.language                  ? 
_citation.page_first                15870 
_citation.page_last                 15875 
_citation.title                     
'Interpenetrating Cubes in the X-ray Crystallographic Structure of a Peptide Derived from Medin 19-36 .' 
_citation.year                      2020 
_citation.database_id_CSD           ? 
_citation.pdbx_database_id_DOI      10.1021/jacs.0c06143 
_citation.pdbx_database_id_PubMed   32816461 
_citation.unpublished_flag          ? 
# 
loop_
_citation_author.citation_id 
_citation_author.name 
_citation_author.ordinal 
_citation_author.identifier_ORCID 
primary 'Howitz, W.J.'   1 ? 
primary 'Wierzbicki, M.' 2 ? 
primary 'Cabanela, R.W.' 3 ? 
primary 'Saliba, C.'     4 ? 
primary 'Motavalli, A.'  5 ? 
primary 'Tran, N.'       6 ? 
primary 'Nowick, J.S.'   7 ? 
# 
loop_
_entity.id 
_entity.type 
_entity.src_method 
_entity.pdbx_description 
_entity.formula_weight 
_entity.pdbx_number_of_molecules 
_entity.pdbx_ec 
_entity.pdbx_mutation 
_entity.pdbx_fragment 
_entity.details 
1 polymer     syn 'Cyclic peptide ASP-GLN-TRP-MLE-GLN-VAL-ASP-ORD-GLU-VAL-THR-GLY-ILE-ILE-THR-ORD' 1859.084 1  ? ? ? ? 
2 non-polymer syn 'CALCIUM ION'                                                                    40.078   2  ? ? ? ? 
3 water       nat water                                                                            18.015   11 ? ? ? ? 
# 
_entity_poly.entity_id                      1 
_entity_poly.type                           'polypeptide(L)' 
_entity_poly.nstd_linkage                   no 
_entity_poly.nstd_monomer                   yes 
_entity_poly.pdbx_seq_one_letter_code       'DQW(MLE)QVD(ORN)EVTGIIT(ORN)' 
_entity_poly.pdbx_seq_one_letter_code_can   DQWLQVDAEVTGIITA 
_entity_poly.pdbx_strand_id                 A 
_entity_poly.pdbx_target_identifier         ? 
# 
loop_
_pdbx_entity_nonpoly.entity_id 
_pdbx_entity_nonpoly.name 
_pdbx_entity_nonpoly.comp_id 
2 'CALCIUM ION' CA  
3 water         HOH 
# 
loop_
_entity_poly_seq.entity_id 
_entity_poly_seq.num 
_entity_poly_seq.mon_id 
_entity_poly_seq.hetero 
1 1  ASP n 
1 2  GLN n 
1 3  TRP n 
1 4  MLE n 
1 5  GLN n 
1 6  VAL n 
1 7  ASP n 
1 8  ORN n 
1 9  GLU n 
1 10 VAL n 
1 11 THR n 
1 12 GLY n 
1 13 ILE n 
1 14 ILE n 
1 15 THR n 
1 16 ORN n 
# 
_pdbx_entity_src_syn.entity_id              1 
_pdbx_entity_src_syn.pdbx_src_id            1 
_pdbx_entity_src_syn.pdbx_alt_source_flag   sample 
_pdbx_entity_src_syn.pdbx_beg_seq_num       1 
_pdbx_entity_src_syn.pdbx_end_seq_num       16 
_pdbx_entity_src_syn.organism_scientific    'Homo sapiens' 
_pdbx_entity_src_syn.organism_common_name   Human 
_pdbx_entity_src_syn.ncbi_taxonomy_id       9606 
_pdbx_entity_src_syn.details                ? 
# 
loop_
_chem_comp.id 
_chem_comp.type 
_chem_comp.mon_nstd_flag 
_chem_comp.name 
_chem_comp.pdbx_synonyms 
_chem_comp.formula 
_chem_comp.formula_weight 
ASP 'L-peptide linking' y 'ASPARTIC ACID' ? 'C4 H7 N O4'    133.103 
CA  non-polymer         . 'CALCIUM ION'   ? 'Ca 2'          40.078  
GLN 'L-peptide linking' y GLUTAMINE       ? 'C5 H10 N2 O3'  146.144 
GLU 'L-peptide linking' y 'GLUTAMIC ACID' ? 'C5 H9 N O4'    147.129 
GLY 'peptide linking'   y GLYCINE         ? 'C2 H5 N O2'    75.067  
HOH non-polymer         . WATER           ? 'H2 O'          18.015  
ILE 'L-peptide linking' y ISOLEUCINE      ? 'C6 H13 N O2'   131.173 
MLE 'L-peptide linking' n N-METHYLLEUCINE ? 'C7 H15 N O2'   145.199 
ORN 'L-peptide linking' n L-ornithine     ? 'C5 H12 N2 O2'  132.161 
THR 'L-peptide linking' y THREONINE       ? 'C4 H9 N O3'    119.119 
TRP 'L-peptide linking' y TRYPTOPHAN      ? 'C11 H12 N2 O2' 204.225 
VAL 'L-peptide linking' y VALINE          ? 'C5 H11 N O2'   117.146 
# 
loop_
_pdbx_poly_seq_scheme.asym_id 
_pdbx_poly_seq_scheme.entity_id 
_pdbx_poly_seq_scheme.seq_id 
_pdbx_poly_seq_scheme.mon_id 
_pdbx_poly_seq_scheme.ndb_seq_num 
_pdbx_poly_seq_scheme.pdb_seq_num 
_pdbx_poly_seq_scheme.auth_seq_num 
_pdbx_poly_seq_scheme.pdb_mon_id 
_pdbx_poly_seq_scheme.auth_mon_id 
_pdbx_poly_seq_scheme.pdb_strand_id 
_pdbx_poly_seq_scheme.pdb_ins_code 
_pdbx_poly_seq_scheme.hetero 
A 1 1  ASP 1  1  1  ASP ASP A . n 
A 1 2  GLN 2  2  2  GLN GLN A . n 
A 1 3  TRP 3  3  3  TRP TRP A . n 
A 1 4  MLE 4  4  4  MLE MLE A . n 
A 1 5  GLN 5  5  5  GLN GLN A . n 
A 1 6  VAL 6  6  6  VAL VAL A . n 
A 1 7  ASP 7  7  7  ASP ASP A . n 
A 1 8  ORN 8  8  8  ORN ORN A . n 
A 1 9  GLU 9  9  9  GLU GLU A . n 
A 1 10 VAL 10 10 10 VAL VAL A . n 
A 1 11 THR 11 11 11 THR THR A . n 
A 1 12 GLY 12 12 12 GLY GLY A . n 
A 1 13 ILE 13 13 13 ILE ILE A . n 
A 1 14 ILE 14 14 14 ILE ILE A . n 
A 1 15 THR 15 15 15 THR THR A . n 
A 1 16 ORN 16 16 16 ORN ORN A . n 
# 
loop_
_pdbx_nonpoly_scheme.asym_id 
_pdbx_nonpoly_scheme.entity_id 
_pdbx_nonpoly_scheme.mon_id 
_pdbx_nonpoly_scheme.ndb_seq_num 
_pdbx_nonpoly_scheme.pdb_seq_num 
_pdbx_nonpoly_scheme.auth_seq_num 
_pdbx_nonpoly_scheme.pdb_mon_id 
_pdbx_nonpoly_scheme.auth_mon_id 
_pdbx_nonpoly_scheme.pdb_strand_id 
_pdbx_nonpoly_scheme.pdb_ins_code 
B 2 CA  1  101 1  CA  CA  A . 
C 2 CA  1  102 2  CA  CA  A . 
D 3 HOH 1  201 9  HOH HOH A . 
D 3 HOH 2  202 7  HOH HOH A . 
D 3 HOH 3  203 6  HOH HOH A . 
D 3 HOH 4  204 4  HOH HOH A . 
D 3 HOH 5  205 5  HOH HOH A . 
D 3 HOH 6  206 3  HOH HOH A . 
D 3 HOH 7  207 10 HOH HOH A . 
D 3 HOH 8  208 8  HOH HOH A . 
D 3 HOH 9  209 1  HOH HOH A . 
D 3 HOH 10 210 11 HOH HOH A . 
D 3 HOH 11 211 2  HOH HOH A . 
# 
loop_
_software.citation_id 
_software.classification 
_software.compiler_name 
_software.compiler_version 
_software.contact_author 
_software.contact_author_email 
_software.date 
_software.description 
_software.dependencies 
_software.hardware 
_software.language 
_software.location 
_software.mods 
_software.name 
_software.os 
_software.os_version 
_software.type 
_software.version 
_software.pdbx_ordinal 
? refinement       ? ? ? ? ? ? ? ? ? ? ? PHENIX  ? ? ? dev_3908 1 
? 'data reduction' ? ? ? ? ? ? ? ? ? ? ? SAINT   ? ? ? .        2 
? 'data scaling'   ? ? ? ? ? ? ? ? ? ? ? SADABS  ? ? ? .        3 
? phasing          ? ? ? ? ? ? ? ? ? ? ? AutoSol ? ? ? .        4 
# 
_cell.angle_alpha                  90.000 
_cell.angle_alpha_esd              ? 
_cell.angle_beta                   90.000 
_cell.angle_beta_esd               ? 
_cell.angle_gamma                  90.000 
_cell.angle_gamma_esd              ? 
_cell.entry_id                     7JRH 
_cell.details                      ? 
_cell.formula_units_Z              ? 
_cell.length_a                     42.486 
_cell.length_a_esd                 ? 
_cell.length_b                     42.486 
_cell.length_b_esd                 ? 
_cell.length_c                     42.486 
_cell.length_c_esd                 ? 
_cell.volume                       76689.787 
_cell.volume_esd                   ? 
_cell.Z_PDB                        24 
_cell.reciprocal_angle_alpha       ? 
_cell.reciprocal_angle_beta        ? 
_cell.reciprocal_angle_gamma       ? 
_cell.reciprocal_angle_alpha_esd   ? 
_cell.reciprocal_angle_beta_esd    ? 
_cell.reciprocal_angle_gamma_esd   ? 
_cell.reciprocal_length_a          ? 
_cell.reciprocal_length_b          ? 
_cell.reciprocal_length_c          ? 
_cell.reciprocal_length_a_esd      ? 
_cell.reciprocal_length_b_esd      ? 
_cell.reciprocal_length_c_esd      ? 
_cell.pdbx_unique_axis             ? 
# 
_symmetry.entry_id                         7JRH 
_symmetry.cell_setting                     ? 
_symmetry.Int_Tables_number                197 
_symmetry.space_group_name_Hall            'I 2 2 3' 
_symmetry.space_group_name_H-M             'I 2 3' 
_symmetry.pdbx_full_space_group_name_H-M   ? 
# 
_exptl.absorpt_coefficient_mu     ? 
_exptl.absorpt_correction_T_max   ? 
_exptl.absorpt_correction_T_min   ? 
_exptl.absorpt_correction_type    ? 
_exptl.absorpt_process_details    ? 
_exptl.entry_id                   7JRH 
_exptl.crystals_number            1 
_exptl.details                    ? 
_exptl.method                     'X-RAY DIFFRACTION' 
_exptl.method_details             ? 
# 
_exptl_crystal.colour                      ? 
_exptl_crystal.density_diffrn              ? 
_exptl_crystal.density_Matthews            1.73 
_exptl_crystal.density_method              ? 
_exptl_crystal.density_percent_sol         28.77 
_exptl_crystal.description                 cube 
_exptl_crystal.F_000                       ? 
_exptl_crystal.id                          1 
_exptl_crystal.preparation                 ? 
_exptl_crystal.size_max                    ? 
_exptl_crystal.size_mid                    ? 
_exptl_crystal.size_min                    ? 
_exptl_crystal.size_rad                    ? 
_exptl_crystal.colour_lustre               ? 
_exptl_crystal.colour_modifier             ? 
_exptl_crystal.colour_primary              ? 
_exptl_crystal.density_meas                ? 
_exptl_crystal.density_meas_esd            ? 
_exptl_crystal.density_meas_gt             ? 
_exptl_crystal.density_meas_lt             ? 
_exptl_crystal.density_meas_temp           ? 
_exptl_crystal.density_meas_temp_esd       ? 
_exptl_crystal.density_meas_temp_gt        ? 
_exptl_crystal.density_meas_temp_lt        ? 
_exptl_crystal.pdbx_crystal_image_url      ? 
_exptl_crystal.pdbx_crystal_image_format   ? 
_exptl_crystal.pdbx_mosaicity              ? 
_exptl_crystal.pdbx_mosaicity_esd          ? 
# 
_exptl_crystal_grow.apparatus       ? 
_exptl_crystal_grow.atmosphere      ? 
_exptl_crystal_grow.crystal_id      1 
_exptl_crystal_grow.details         ? 
_exptl_crystal_grow.method          'VAPOR DIFFUSION, HANGING DROP' 
_exptl_crystal_grow.method_ref      ? 
_exptl_crystal_grow.pH              ? 
_exptl_crystal_grow.pressure        ? 
_exptl_crystal_grow.pressure_esd    ? 
_exptl_crystal_grow.seeding         ? 
_exptl_crystal_grow.seeding_ref     ? 
_exptl_crystal_grow.temp            298 
_exptl_crystal_grow.temp_details    ? 
_exptl_crystal_grow.temp_esd        ? 
_exptl_crystal_grow.time            ? 
_exptl_crystal_grow.pdbx_details    '0.1 M NaOAc, 0.02M CaCl2, 30% MPD' 
_exptl_crystal_grow.pdbx_pH_range   ? 
# 
_diffrn.ambient_environment              ? 
_diffrn.ambient_temp                     100 
_diffrn.ambient_temp_details             ? 
_diffrn.ambient_temp_esd                 ? 
_diffrn.crystal_id                       1 
_diffrn.crystal_support                  ? 
_diffrn.crystal_treatment                ? 
_diffrn.details                          ? 
_diffrn.id                               1 
_diffrn.ambient_pressure                 ? 
_diffrn.ambient_pressure_esd             ? 
_diffrn.ambient_pressure_gt              ? 
_diffrn.ambient_pressure_lt              ? 
_diffrn.ambient_temp_gt                  ? 
_diffrn.ambient_temp_lt                  ? 
_diffrn.pdbx_serial_crystal_experiment   N 
# 
_diffrn_detector.details                      ? 
_diffrn_detector.detector                     CCD 
_diffrn_detector.diffrn_id                    1 
_diffrn_detector.type                         'APEX II CCD' 
_diffrn_detector.area_resol_mean              ? 
_diffrn_detector.dtime                        ? 
_diffrn_detector.pdbx_frames_total            ? 
_diffrn_detector.pdbx_collection_time_total   ? 
_diffrn_detector.pdbx_collection_date         2020-07-30 
_diffrn_detector.pdbx_frequency               ? 
# 
_diffrn_radiation.collimation                      ? 
_diffrn_radiation.diffrn_id                        1 
_diffrn_radiation.filter_edge                      ? 
_diffrn_radiation.inhomogeneity                    ? 
_diffrn_radiation.monochromator                    ? 
_diffrn_radiation.polarisn_norm                    ? 
_diffrn_radiation.polarisn_ratio                   ? 
_diffrn_radiation.probe                            ? 
_diffrn_radiation.type                             ? 
_diffrn_radiation.xray_symbol                      ? 
_diffrn_radiation.wavelength_id                    1 
_diffrn_radiation.pdbx_monochromatic_or_laue_m_l   M 
_diffrn_radiation.pdbx_wavelength_list             ? 
_diffrn_radiation.pdbx_wavelength                  ? 
_diffrn_radiation.pdbx_diffrn_protocol             'SINGLE WAVELENGTH' 
_diffrn_radiation.pdbx_analyzer                    ? 
_diffrn_radiation.pdbx_scattering_type             x-ray 
# 
_diffrn_radiation_wavelength.id           1 
_diffrn_radiation_wavelength.wavelength   1.54178 
_diffrn_radiation_wavelength.wt           1.0 
# 
_diffrn_source.current                     ? 
_diffrn_source.details                     ? 
_diffrn_source.diffrn_id                   1 
_diffrn_source.power                       ? 
_diffrn_source.size                        ? 
_diffrn_source.source                      'ROTATING ANODE' 
_diffrn_source.target                      ? 
_diffrn_source.type                        'BRUKER AXS MICROSTAR' 
_diffrn_source.voltage                     ? 
_diffrn_source.take-off_angle              ? 
_diffrn_source.pdbx_wavelength_list        1.54178 
_diffrn_source.pdbx_wavelength             ? 
_diffrn_source.pdbx_synchrotron_beamline   ? 
_diffrn_source.pdbx_synchrotron_site       ? 
# 
_reflns.B_iso_Wilson_estimate            15.04 
_reflns.entry_id                         7JRH 
_reflns.data_reduction_details           ? 
_reflns.data_reduction_method            ? 
_reflns.d_resolution_high                1.32 
_reflns.d_resolution_low                 30.09 
_reflns.details                          ? 
_reflns.limit_h_max                      ? 
_reflns.limit_h_min                      ? 
_reflns.limit_k_max                      ? 
_reflns.limit_k_min                      ? 
_reflns.limit_l_max                      ? 
_reflns.limit_l_min                      ? 
_reflns.number_all                       ? 
_reflns.number_obs                       51865 
_reflns.observed_criterion               ? 
_reflns.observed_criterion_F_max         ? 
_reflns.observed_criterion_F_min         ? 
_reflns.observed_criterion_I_max         ? 
_reflns.observed_criterion_I_min         ? 
_reflns.observed_criterion_sigma_F       ? 
_reflns.observed_criterion_sigma_I       ? 
_reflns.percent_possible_obs             99.74 
_reflns.R_free_details                   ? 
_reflns.Rmerge_F_all                     ? 
_reflns.Rmerge_F_obs                     ? 
_reflns.Friedel_coverage                 ? 
_reflns.number_gt                        ? 
_reflns.threshold_expression             ? 
_reflns.pdbx_redundancy                  16.6 
_reflns.pdbx_Rmerge_I_obs                0.04568 
_reflns.pdbx_Rmerge_I_all                ? 
_reflns.pdbx_Rsym_value                  ? 
_reflns.pdbx_netI_over_av_sigmaI         ? 
_reflns.pdbx_netI_over_sigmaI            30.81 
_reflns.pdbx_res_netI_over_av_sigmaI_2   ? 
_reflns.pdbx_res_netI_over_sigmaI_2      ? 
_reflns.pdbx_chi_squared                 ? 
_reflns.pdbx_scaling_rejects             ? 
_reflns.pdbx_d_res_high_opt              ? 
_reflns.pdbx_d_res_low_opt               ? 
_reflns.pdbx_d_res_opt_method            ? 
_reflns.phase_calculation_details        ? 
_reflns.pdbx_Rrim_I_all                  0.04648 
_reflns.pdbx_Rpim_I_all                  0.008085 
_reflns.pdbx_d_opt                       ? 
_reflns.pdbx_number_measured_all         ? 
_reflns.pdbx_diffrn_id                   1 
_reflns.pdbx_ordinal                     1 
_reflns.pdbx_CC_half                     1.000 
_reflns.pdbx_CC_star                     1.000 
_reflns.pdbx_R_split                     ? 
# 
_reflns_shell.d_res_high                  1.321 
_reflns_shell.d_res_low                   1.368 
_reflns_shell.meanI_over_sigI_all         ? 
_reflns_shell.meanI_over_sigI_obs         3.32 
_reflns_shell.number_measured_all         ? 
_reflns_shell.number_measured_obs         ? 
_reflns_shell.number_possible             ? 
_reflns_shell.number_unique_all           ? 
_reflns_shell.number_unique_obs           2021 
_reflns_shell.percent_possible_all        97.83 
_reflns_shell.percent_possible_obs        ? 
_reflns_shell.Rmerge_F_all                ? 
_reflns_shell.Rmerge_F_obs                ? 
_reflns_shell.Rmerge_I_all                ? 
_reflns_shell.Rmerge_I_obs                0.3153 
_reflns_shell.meanI_over_sigI_gt          ? 
_reflns_shell.meanI_over_uI_all           ? 
_reflns_shell.meanI_over_uI_gt            ? 
_reflns_shell.number_measured_gt          ? 
_reflns_shell.number_unique_gt            ? 
_reflns_shell.percent_possible_gt         ? 
_reflns_shell.Rmerge_F_gt                 ? 
_reflns_shell.Rmerge_I_gt                 ? 
_reflns_shell.pdbx_redundancy             6.4 
_reflns_shell.pdbx_Rsym_value             ? 
_reflns_shell.pdbx_chi_squared            ? 
_reflns_shell.pdbx_netI_over_sigmaI_all   ? 
_reflns_shell.pdbx_netI_over_sigmaI_obs   ? 
_reflns_shell.pdbx_Rrim_I_all             0.3423 
_reflns_shell.pdbx_Rpim_I_all             0.1275 
_reflns_shell.pdbx_rejects                ? 
_reflns_shell.pdbx_ordinal                1 
_reflns_shell.pdbx_diffrn_id              1 
_reflns_shell.pdbx_CC_half                0.925 
_reflns_shell.pdbx_CC_star                0.980 
_reflns_shell.pdbx_R_split                ? 
# 
_refine.aniso_B[1][1]                            ? 
_refine.aniso_B[1][2]                            ? 
_refine.aniso_B[1][3]                            ? 
_refine.aniso_B[2][2]                            ? 
_refine.aniso_B[2][3]                            ? 
_refine.aniso_B[3][3]                            ? 
_refine.B_iso_max                                ? 
_refine.B_iso_mean                               18.59 
_refine.B_iso_min                                ? 
_refine.correlation_coeff_Fo_to_Fc               ? 
_refine.correlation_coeff_Fo_to_Fc_free          ? 
_refine.details                                  ? 
_refine.diff_density_max                         ? 
_refine.diff_density_max_esd                     ? 
_refine.diff_density_min                         ? 
_refine.diff_density_min_esd                     ? 
_refine.diff_density_rms                         ? 
_refine.diff_density_rms_esd                     ? 
_refine.entry_id                                 7JRH 
_refine.pdbx_refine_id                           'X-RAY DIFFRACTION' 
_refine.ls_abs_structure_details                 ? 
_refine.ls_abs_structure_Flack                   ? 
_refine.ls_abs_structure_Flack_esd               ? 
_refine.ls_abs_structure_Rogers                  ? 
_refine.ls_abs_structure_Rogers_esd              ? 
_refine.ls_d_res_high                            1.32 
_refine.ls_d_res_low                             30.04 
_refine.ls_extinction_coef                       ? 
_refine.ls_extinction_coef_esd                   ? 
_refine.ls_extinction_expression                 ? 
_refine.ls_extinction_method                     ? 
_refine.ls_goodness_of_fit_all                   ? 
_refine.ls_goodness_of_fit_all_esd               ? 
_refine.ls_goodness_of_fit_obs                   ? 
_refine.ls_goodness_of_fit_obs_esd               ? 
_refine.ls_hydrogen_treatment                    ? 
_refine.ls_matrix_type                           ? 
_refine.ls_number_constraints                    ? 
_refine.ls_number_parameters                     ? 
_refine.ls_number_reflns_all                     ? 
_refine.ls_number_reflns_obs                     3117 
_refine.ls_number_reflns_R_free                  315 
_refine.ls_number_reflns_R_work                  5233 
_refine.ls_number_restraints                     ? 
_refine.ls_percent_reflns_obs                    99.74 
_refine.ls_percent_reflns_R_free                 9.99 
_refine.ls_R_factor_all                          ? 
_refine.ls_R_factor_obs                          0.1808 
_refine.ls_R_factor_R_free                       0.2103 
_refine.ls_R_factor_R_free_error                 ? 
_refine.ls_R_factor_R_free_error_details         ? 
_refine.ls_R_factor_R_work                       0.1772 
_refine.ls_R_Fsqd_factor_obs                     ? 
_refine.ls_R_I_factor_obs                        ? 
_refine.ls_redundancy_reflns_all                 ? 
_refine.ls_redundancy_reflns_obs                 ? 
_refine.ls_restrained_S_all                      ? 
_refine.ls_restrained_S_obs                      ? 
_refine.ls_shift_over_esd_max                    ? 
_refine.ls_shift_over_esd_mean                   ? 
_refine.ls_structure_factor_coef                 ? 
_refine.ls_weighting_details                     ? 
_refine.ls_weighting_scheme                      ? 
_refine.ls_wR_factor_all                         ? 
_refine.ls_wR_factor_obs                         ? 
_refine.ls_wR_factor_R_free                      ? 
_refine.ls_wR_factor_R_work                      ? 
_refine.occupancy_max                            ? 
_refine.occupancy_min                            ? 
_refine.solvent_model_details                    'FLAT BULK SOLVENT MODEL' 
_refine.solvent_model_param_bsol                 ? 
_refine.solvent_model_param_ksol                 ? 
_refine.pdbx_R_complete                          ? 
_refine.ls_R_factor_gt                           ? 
_refine.ls_goodness_of_fit_gt                    ? 
_refine.ls_goodness_of_fit_ref                   ? 
_refine.ls_shift_over_su_max                     ? 
_refine.ls_shift_over_su_max_lt                  ? 
_refine.ls_shift_over_su_mean                    ? 
_refine.ls_shift_over_su_mean_lt                 ? 
_refine.pdbx_ls_sigma_I                          ? 
_refine.pdbx_ls_sigma_F                          1.44 
_refine.pdbx_ls_sigma_Fsqd                       ? 
_refine.pdbx_data_cutoff_high_absF               ? 
_refine.pdbx_data_cutoff_high_rms_absF           ? 
_refine.pdbx_data_cutoff_low_absF                ? 
_refine.pdbx_isotropic_thermal_model             ? 
_refine.pdbx_ls_cross_valid_method               'FREE R-VALUE' 
_refine.pdbx_method_to_determine_struct          'AB INITIO PHASING' 
_refine.pdbx_starting_model                      ? 
_refine.pdbx_stereochemistry_target_values       'GeoStd + Monomer Library + CDL v1.2' 
_refine.pdbx_R_Free_selection_details            ? 
_refine.pdbx_stereochem_target_val_spec_case     ? 
_refine.pdbx_overall_ESU_R                       ? 
_refine.pdbx_overall_ESU_R_Free                  ? 
_refine.pdbx_solvent_vdw_probe_radii             1.1100 
_refine.pdbx_solvent_ion_probe_radii             ? 
_refine.pdbx_solvent_shrinkage_radii             0.9000 
_refine.pdbx_real_space_R                        ? 
_refine.pdbx_density_correlation                 ? 
_refine.pdbx_pd_number_of_powder_patterns        ? 
_refine.pdbx_pd_number_of_points                 ? 
_refine.pdbx_pd_meas_number_of_points            ? 
_refine.pdbx_pd_proc_ls_prof_R_factor            ? 
_refine.pdbx_pd_proc_ls_prof_wR_factor           ? 
_refine.pdbx_pd_Marquardt_correlation_coeff      ? 
_refine.pdbx_pd_Fsqrd_R_factor                   ? 
_refine.pdbx_pd_ls_matrix_band_width             ? 
_refine.pdbx_overall_phase_error                 37.4445 
_refine.pdbx_overall_SU_R_free_Cruickshank_DPI   ? 
_refine.pdbx_overall_SU_R_free_Blow_DPI          ? 
_refine.pdbx_overall_SU_R_Blow_DPI               ? 
_refine.pdbx_TLS_residual_ADP_flag               ? 
_refine.pdbx_diffrn_id                           1 
_refine.overall_SU_B                             ? 
_refine.overall_SU_ML                            0.0750 
_refine.overall_SU_R_Cruickshank_DPI             ? 
_refine.overall_SU_R_free                        ? 
_refine.overall_FOM_free_R_set                   ? 
_refine.overall_FOM_work_R_set                   ? 
_refine.pdbx_average_fsc_overall                 ? 
_refine.pdbx_average_fsc_work                    ? 
_refine.pdbx_average_fsc_free                    ? 
# 
_refine_hist.pdbx_refine_id                   'X-RAY DIFFRACTION' 
_refine_hist.cycle_id                         LAST 
_refine_hist.details                          ? 
_refine_hist.d_res_high                       1.32 
_refine_hist.d_res_low                        30.04 
_refine_hist.number_atoms_solvent             11 
_refine_hist.number_atoms_total               143 
_refine_hist.number_reflns_all                ? 
_refine_hist.number_reflns_obs                ? 
_refine_hist.number_reflns_R_free             ? 
_refine_hist.number_reflns_R_work             ? 
_refine_hist.R_factor_all                     ? 
_refine_hist.R_factor_obs                     ? 
_refine_hist.R_factor_R_free                  ? 
_refine_hist.R_factor_R_work                  ? 
_refine_hist.pdbx_number_residues_total       ? 
_refine_hist.pdbx_B_iso_mean_ligand           ? 
_refine_hist.pdbx_B_iso_mean_solvent          ? 
_refine_hist.pdbx_number_atoms_protein        130 
_refine_hist.pdbx_number_atoms_nucleic_acid   0 
_refine_hist.pdbx_number_atoms_ligand         2 
_refine_hist.pdbx_number_atoms_lipid          ? 
_refine_hist.pdbx_number_atoms_carb           ? 
_refine_hist.pdbx_pseudo_atom_details         ? 
# 
loop_
_refine_ls_restr.pdbx_refine_id 
_refine_ls_restr.criterion 
_refine_ls_restr.dev_ideal 
_refine_ls_restr.dev_ideal_target 
_refine_ls_restr.number 
_refine_ls_restr.rejects 
_refine_ls_restr.type 
_refine_ls_restr.weight 
_refine_ls_restr.pdbx_restraint_function 
'X-RAY DIFFRACTION' ? 0.0092  ? 131 ? f_bond_d           ? ? 
'X-RAY DIFFRACTION' ? 1.5117  ? 178 ? f_angle_d          ? ? 
'X-RAY DIFFRACTION' ? 0.0913  ? 21  ? f_chiral_restr     ? ? 
'X-RAY DIFFRACTION' ? 0.0058  ? 22  ? f_plane_restr      ? ? 
'X-RAY DIFFRACTION' ? 35.9682 ? 33  ? f_dihedral_angle_d ? ? 
# 
loop_
_refine_ls_shell.pdbx_refine_id 
_refine_ls_shell.d_res_high 
_refine_ls_shell.d_res_low 
_refine_ls_shell.number_reflns_all 
_refine_ls_shell.number_reflns_obs 
_refine_ls_shell.number_reflns_R_free 
_refine_ls_shell.number_reflns_R_work 
_refine_ls_shell.percent_reflns_obs 
_refine_ls_shell.percent_reflns_R_free 
_refine_ls_shell.R_factor_all 
_refine_ls_shell.R_factor_obs 
_refine_ls_shell.R_factor_R_free 
_refine_ls_shell.R_factor_R_free_error 
_refine_ls_shell.R_factor_R_work 
_refine_ls_shell.redundancy_reflns_all 
_refine_ls_shell.redundancy_reflns_obs 
_refine_ls_shell.wR_factor_all 
_refine_ls_shell.wR_factor_obs 
_refine_ls_shell.wR_factor_R_free 
_refine_ls_shell.wR_factor_R_work 
_refine_ls_shell.pdbx_R_complete 
_refine_ls_shell.pdbx_total_number_of_bins_used 
_refine_ls_shell.pdbx_phase_error 
_refine_ls_shell.pdbx_fsc_work 
_refine_ls_shell.pdbx_fsc_free 
'X-RAY DIFFRACTION' 1.32 1.45  . . 150 1258 97.24  . . . 0.2625 . 0.2983 . . . . . . . . . . . 
'X-RAY DIFFRACTION' 1.45 1.66  . . 130 1352 100.00 . . . 0.3080 . 0.2643 . . . . . . . . . . . 
'X-RAY DIFFRACTION' 1.66 2.09  . . 154 1296 100.00 . . . 0.2300 . 0.2034 . . . . . . . . . . . 
'X-RAY DIFFRACTION' 2.10 30.04 . . 147 1327 100.00 . . . 0.1791 . 0.1369 . . . . . . . . . . . 
# 
_struct.entry_id                     7JRH 
_struct.title                        'X-ray crystal structure of a cyclic peptide containing medin(19-25) and medin(31-37)' 
_struct.pdbx_model_details           ? 
_struct.pdbx_formula_weight          ? 
_struct.pdbx_formula_weight_method   ? 
_struct.pdbx_model_type_details      ? 
_struct.pdbx_CASP_flag               N 
# 
_struct_keywords.entry_id        7JRH 
_struct_keywords.text            'medin, cyclic, hairpin, MOF, framework, DE NOVO PROTEIN' 
_struct_keywords.pdbx_keywords   'DE NOVO PROTEIN' 
# 
loop_
_struct_asym.id 
_struct_asym.pdbx_blank_PDB_chainid_flag 
_struct_asym.pdbx_modified 
_struct_asym.entity_id 
_struct_asym.details 
A N N 1 ? 
B N N 2 ? 
C N N 2 ? 
D N N 3 ? 
# 
_struct_ref.id                         1 
_struct_ref.db_name                    PDB 
_struct_ref.db_code                    7JRH 
_struct_ref.pdbx_db_accession          7JRH 
_struct_ref.pdbx_db_isoform            ? 
_struct_ref.entity_id                  1 
_struct_ref.pdbx_seq_one_letter_code   ? 
_struct_ref.pdbx_align_begin           1 
# 
_struct_ref_seq.align_id                      1 
_struct_ref_seq.ref_id                        1 
_struct_ref_seq.pdbx_PDB_id_code              7JRH 
_struct_ref_seq.pdbx_strand_id                A 
_struct_ref_seq.seq_align_beg                 1 
_struct_ref_seq.pdbx_seq_align_beg_ins_code   ? 
_struct_ref_seq.seq_align_end                 16 
_struct_ref_seq.pdbx_seq_align_end_ins_code   ? 
_struct_ref_seq.pdbx_db_accession             7JRH 
_struct_ref_seq.db_align_beg                  1 
_struct_ref_seq.pdbx_db_align_beg_ins_code    ? 
_struct_ref_seq.db_align_end                  16 
_struct_ref_seq.pdbx_db_align_end_ins_code    ? 
_struct_ref_seq.pdbx_auth_seq_align_beg       1 
_struct_ref_seq.pdbx_auth_seq_align_end       16 
# 
_pdbx_struct_assembly.id                   1 
_pdbx_struct_assembly.details              author_and_software_defined_assembly 
_pdbx_struct_assembly.method_details       PISA 
_pdbx_struct_assembly.oligomeric_details   dodecameric 
_pdbx_struct_assembly.oligomeric_count     12 
# 
loop_
_pdbx_struct_assembly_prop.biol_id 
_pdbx_struct_assembly_prop.type 
_pdbx_struct_assembly_prop.value 
_pdbx_struct_assembly_prop.details 
1 'ABSA (A^2)' 4400  ? 
1 MORE         -121  ? 
1 'SSA (A^2)'  16320 ? 
# 
_pdbx_struct_assembly_gen.assembly_id       1 
_pdbx_struct_assembly_gen.oper_expression   1,2,3,4,5,6,7,8,9,10,11,12 
_pdbx_struct_assembly_gen.asym_id_list      A,B,C,D 
# 
_pdbx_struct_assembly_auth_evidence.id                     1 
_pdbx_struct_assembly_auth_evidence.assembly_id            1 
_pdbx_struct_assembly_auth_evidence.experimental_support   none 
_pdbx_struct_assembly_auth_evidence.details                ? 
# 
loop_
_pdbx_struct_oper_list.id 
_pdbx_struct_oper_list.type 
_pdbx_struct_oper_list.name 
_pdbx_struct_oper_list.symmetry_operation 
_pdbx_struct_oper_list.matrix[1][1] 
_pdbx_struct_oper_list.matrix[1][2] 
_pdbx_struct_oper_list.matrix[1][3] 
_pdbx_struct_oper_list.vector[1] 
_pdbx_struct_oper_list.matrix[2][1] 
_pdbx_struct_oper_list.matrix[2][2] 
_pdbx_struct_oper_list.matrix[2][3] 
_pdbx_struct_oper_list.vector[2] 
_pdbx_struct_oper_list.matrix[3][1] 
_pdbx_struct_oper_list.matrix[3][2] 
_pdbx_struct_oper_list.matrix[3][3] 
_pdbx_struct_oper_list.vector[3] 
1  'identity operation'         1_555  x,y,z       1.0000000000  0.0000000000  0.0000000000  0.0000000000   0.0000000000  1.0000000000  0.0000000000  0.0000000000  0.0000000000  0.0000000000  1.0000000000  0.0000000000   
2  'crystal symmetry operation' 2_645  -x+1,-y-1,z 0.1641163232  0.6298535512  -0.7591774078 -25.1906750443 0.6298535512  -0.6592131834 -0.4107584240 36.2534012002 -0.7591774078 -0.4107584240 -0.5049031399 -8.5494410870  
3  'crystal symmetry operation' 3_654  -x+1,y,-z-1 -0.2238674913 -0.3284669409 0.9176016647  -7.3825308317  -0.3284669409 -0.8609895474 -0.3883380846 26.9386916127 0.9176016647  -0.3883380846 0.0848570387  15.8873859569  
4  'crystal symmetry operation' 4_544  x,-y-1,-z-1 -0.9402488319 -0.3013866103 -0.1584242569 -21.4961827696 -0.3013866103 0.5202027308  0.7990965086  7.3192696681  -0.1584242569 0.7990965086  -0.5799538989 -22.0316760331 
5  'crystal symmetry operation' 5_645  z+1,x-1,y   0.2357226541  0.2706256833  0.9333791137  -11.6728431836 0.9678634795  0.0212070737  -0.2505804164 29.4164620431 -0.0876077361 0.9624510375  -0.2569297278 -22.7674045544 
6  'crystal symmetry operation' 6_654  z+1,-x,-y-1 -0.4994598530 -0.4133226012 -0.7613831379 -15.7796242342 0.3624345373  0.6985602840  -0.6169722326 7.9464787042  0.7868805890  -0.5841044059 -0.1991004310 16.5282226260  
7  'crystal symmetry operation' 7_555  -z,-x,y     0.7148079989  -0.6728996409 0.1904090279  8.7061831042   -0.4535719990 -0.2388603062 0.8586141135  18.8614030950 -0.5322799699 -0.7001084397 -0.4759476927 -0.2754078001  
8  'crystal symmetry operation' 8_544  -z,x-1,-y-1 -0.4510708001 0.8155965587  -0.3624050037 -35.3231043321 -0.8767260178 -0.4809070515 0.0089385355  14.2870186387 -0.1669928830 0.3217618081  0.9319778516  -8.1791414347  
9  'crystal symmetry operation' 9_654  y+1,z,x-1   0.2357226541  0.9678634795  -0.0876077361 -27.7141665013 0.2706256833  0.0212070737  0.9624510375  24.4476462178 0.9333791137  -0.2505804164 -0.2569297278 12.4167542785  
10 'crystal symmetry operation' 10_555 -y,z,-x     0.7148079989  -0.4535719990 -0.5322799699 2.1851609263   -0.6728996409 -0.2388603062 -0.7001084397 10.1708126781 0.1904090279  0.8586141135  -0.4759476927 -17.9834824660 
11 'crystal symmetry operation' 11_645 y+1,-z-1,-x -0.4510708001 -0.8767260178 -0.1669928830 -4.7732783822  0.8155965587  -0.4809070515 0.3217618081  38.3118656827 -0.3624050037 0.0089385355  0.9319778516  -5.3061961181  
12 'crystal symmetry operation' 12_544 -y,-z-1,x-1 -0.4994598530 0.3624345373  0.7868805890  -23.7671046884 -0.4133226012 0.6985602840  -0.5841044059 -2.4189620975 -0.7613831379 -0.6169722326 -0.1991004310 -3.8208068575 
# 
loop_
_struct_conn.id 
_struct_conn.conn_type_id 
_struct_conn.pdbx_leaving_atom_flag 
_struct_conn.pdbx_PDB_id 
_struct_conn.ptnr1_label_asym_id 
_struct_conn.ptnr1_label_comp_id 
_struct_conn.ptnr1_label_seq_id 
_struct_conn.ptnr1_label_atom_id 
_struct_conn.pdbx_ptnr1_label_alt_id 
_struct_conn.pdbx_ptnr1_PDB_ins_code 
_struct_conn.pdbx_ptnr1_standard_comp_id 
_struct_conn.ptnr1_symmetry 
_struct_conn.ptnr2_label_asym_id 
_struct_conn.ptnr2_label_comp_id 
_struct_conn.ptnr2_label_seq_id 
_struct_conn.ptnr2_label_atom_id 
_struct_conn.pdbx_ptnr2_label_alt_id 
_struct_conn.pdbx_ptnr2_PDB_ins_code 
_struct_conn.ptnr1_auth_asym_id 
_struct_conn.ptnr1_auth_comp_id 
_struct_conn.ptnr1_auth_seq_id 
_struct_conn.ptnr2_auth_asym_id 
_struct_conn.ptnr2_auth_comp_id 
_struct_conn.ptnr2_auth_seq_id 
_struct_conn.ptnr2_symmetry 
_struct_conn.pdbx_ptnr3_label_atom_id 
_struct_conn.pdbx_ptnr3_label_seq_id 
_struct_conn.pdbx_ptnr3_label_comp_id 
_struct_conn.pdbx_ptnr3_label_asym_id 
_struct_conn.pdbx_ptnr3_label_alt_id 
_struct_conn.pdbx_ptnr3_PDB_ins_code 
_struct_conn.details 
_struct_conn.pdbx_dist_value 
_struct_conn.pdbx_value_order 
_struct_conn.pdbx_role 
covale1  covale both ? A ASP 1  N   ? ? ? 1_555 A ORN 16 C  ? ? A ASP 1   A ORN 16  1_555 ? ? ? ? ? ? ? 1.429 ? ? 
covale2  covale both ? A TRP 3  C   ? ? ? 1_555 A MLE 4  N  ? ? A TRP 3   A MLE 4   1_555 ? ? ? ? ? ? ? 1.323 ? ? 
covale3  covale both ? A MLE 4  C   ? ? ? 1_555 A GLN 5  N  ? ? A MLE 4   A GLN 5   1_555 ? ? ? ? ? ? ? 1.326 ? ? 
covale4  covale both ? A ASP 7  C   ? ? ? 1_555 A ORN 8  NE ? ? A ASP 7   A ORN 8   1_555 ? ? ? ? ? ? ? 1.377 ? ? 
covale5  covale both ? A ORN 8  C   ? ? ? 1_555 A GLU 9  N  ? ? A ORN 8   A GLU 9   1_555 ? ? ? ? ? ? ? 1.370 ? ? 
covale6  covale both ? A THR 15 C   ? ? ? 1_555 A ORN 16 NE ? ? A THR 15  A ORN 16  1_555 ? ? ? ? ? ? ? 1.373 ? ? 
metalc1  metalc ?    ? A ASP 1  OD1 ? ? ? 1_555 C CA  .  CA ? ? A ASP 1   A CA  102 1_555 ? ? ? ? ? ? ? 2.517 ? ? 
metalc2  metalc ?    ? A ASP 1  OD2 ? ? ? 1_555 C CA  .  CA ? ? A ASP 1   A CA  102 1_555 ? ? ? ? ? ? ? 2.229 ? ? 
metalc3  metalc ?    ? A ASP 1  OD1 ? ? ? 1_555 C CA  .  CA ? ? A ASP 1   A CA  102 6_654 ? ? ? ? ? ? ? 2.517 ? ? 
metalc4  metalc ?    ? A ASP 1  OD2 ? ? ? 1_555 C CA  .  CA ? ? A ASP 1   A CA  102 6_654 ? ? ? ? ? ? ? 2.229 ? ? 
metalc5  metalc ?    ? A ASP 7  OD1 ? ? ? 1_555 B CA  .  CA ? ? A ASP 7   A CA  101 1_555 ? ? ? ? ? ? ? 2.268 ? ? 
metalc6  metalc ?    ? A ASP 7  OD1 ? ? ? 1_555 B CA  .  CA ? ? A ASP 7   A CA  101 7_555 ? ? ? ? ? ? ? 2.268 ? ? 
metalc7  metalc ?    ? B CA  .  CA  ? ? ? 1_555 D HOH .  O  ? ? A CA  101 A HOH 210 1_555 ? ? ? ? ? ? ? 2.350 ? ? 
metalc8  metalc ?    ? B CA  .  CA  ? ? ? 1_555 D HOH .  O  ? ? A CA  101 A HOH 210 7_555 ? ? ? ? ? ? ? 2.350 ? ? 
metalc9  metalc ?    ? C CA  .  CA  ? ? ? 1_555 D HOH .  O  ? ? A CA  102 A HOH 209 1_555 ? ? ? ? ? ? ? 2.462 ? ? 
metalc10 metalc ?    ? C CA  .  CA  ? ? ? 1_555 D HOH .  O  ? ? A CA  102 A HOH 209 6_654 ? ? ? ? ? ? ? 2.462 ? ? 
# 
loop_
_struct_conn_type.id 
_struct_conn_type.criteria 
_struct_conn_type.reference 
covale ? ? 
metalc ? ? 
# 
loop_
_pdbx_struct_conn_angle.id 
_pdbx_struct_conn_angle.ptnr1_label_atom_id 
_pdbx_struct_conn_angle.ptnr1_label_alt_id 
_pdbx_struct_conn_angle.ptnr1_label_asym_id 
_pdbx_struct_conn_angle.ptnr1_label_comp_id 
_pdbx_struct_conn_angle.ptnr1_label_seq_id 
_pdbx_struct_conn_angle.ptnr1_auth_atom_id 
_pdbx_struct_conn_angle.ptnr1_auth_asym_id 
_pdbx_struct_conn_angle.ptnr1_auth_comp_id 
_pdbx_struct_conn_angle.ptnr1_auth_seq_id 
_pdbx_struct_conn_angle.ptnr1_PDB_ins_code 
_pdbx_struct_conn_angle.ptnr1_symmetry 
_pdbx_struct_conn_angle.ptnr2_label_atom_id 
_pdbx_struct_conn_angle.ptnr2_label_alt_id 
_pdbx_struct_conn_angle.ptnr2_label_asym_id 
_pdbx_struct_conn_angle.ptnr2_label_comp_id 
_pdbx_struct_conn_angle.ptnr2_label_seq_id 
_pdbx_struct_conn_angle.ptnr2_auth_atom_id 
_pdbx_struct_conn_angle.ptnr2_auth_asym_id 
_pdbx_struct_conn_angle.ptnr2_auth_comp_id 
_pdbx_struct_conn_angle.ptnr2_auth_seq_id 
_pdbx_struct_conn_angle.ptnr2_PDB_ins_code 
_pdbx_struct_conn_angle.ptnr2_symmetry 
_pdbx_struct_conn_angle.ptnr3_label_atom_id 
_pdbx_struct_conn_angle.ptnr3_label_alt_id 
_pdbx_struct_conn_angle.ptnr3_label_asym_id 
_pdbx_struct_conn_angle.ptnr3_label_comp_id 
_pdbx_struct_conn_angle.ptnr3_label_seq_id 
_pdbx_struct_conn_angle.ptnr3_auth_atom_id 
_pdbx_struct_conn_angle.ptnr3_auth_asym_id 
_pdbx_struct_conn_angle.ptnr3_auth_comp_id 
_pdbx_struct_conn_angle.ptnr3_auth_seq_id 
_pdbx_struct_conn_angle.ptnr3_PDB_ins_code 
_pdbx_struct_conn_angle.ptnr3_symmetry 
_pdbx_struct_conn_angle.value 
_pdbx_struct_conn_angle.value_esd 
1  OD1 ? A ASP 1 ? A ASP 1   ? 1_555 CA ? C CA . ? A CA 102 ? 1_555 OD2 ? A ASP 1 ? A ASP 1   ? 1_555 55.8  ? 
2  OD1 ? A ASP 1 ? A ASP 1   ? 1_555 CA ? C CA . ? A CA 102 ? 1_555 OD1 ? A ASP 1 ? A ASP 1   ? 1_555 0.0   ? 
3  OD2 ? A ASP 1 ? A ASP 1   ? 1_555 CA ? C CA . ? A CA 102 ? 1_555 OD1 ? A ASP 1 ? A ASP 1   ? 1_555 55.8  ? 
4  OD1 ? A ASP 1 ? A ASP 1   ? 1_555 CA ? C CA . ? A CA 102 ? 1_555 OD2 ? A ASP 1 ? A ASP 1   ? 1_555 55.8  ? 
5  OD2 ? A ASP 1 ? A ASP 1   ? 1_555 CA ? C CA . ? A CA 102 ? 1_555 OD2 ? A ASP 1 ? A ASP 1   ? 1_555 0.0   ? 
6  OD1 ? A ASP 1 ? A ASP 1   ? 1_555 CA ? C CA . ? A CA 102 ? 1_555 OD2 ? A ASP 1 ? A ASP 1   ? 1_555 55.8  ? 
7  OD1 ? A ASP 1 ? A ASP 1   ? 1_555 CA ? C CA . ? A CA 102 ? 1_555 O   ? D HOH . ? A HOH 209 ? 1_555 134.6 ? 
8  OD2 ? A ASP 1 ? A ASP 1   ? 1_555 CA ? C CA . ? A CA 102 ? 1_555 O   ? D HOH . ? A HOH 209 ? 1_555 85.3  ? 
9  OD1 ? A ASP 1 ? A ASP 1   ? 1_555 CA ? C CA . ? A CA 102 ? 1_555 O   ? D HOH . ? A HOH 209 ? 1_555 134.6 ? 
10 OD2 ? A ASP 1 ? A ASP 1   ? 1_555 CA ? C CA . ? A CA 102 ? 1_555 O   ? D HOH . ? A HOH 209 ? 1_555 85.3  ? 
11 OD1 ? A ASP 1 ? A ASP 1   ? 1_555 CA ? C CA . ? A CA 102 ? 1_555 O   ? D HOH . ? A HOH 209 ? 6_654 134.6 ? 
12 OD2 ? A ASP 1 ? A ASP 1   ? 1_555 CA ? C CA . ? A CA 102 ? 1_555 O   ? D HOH . ? A HOH 209 ? 6_654 85.3  ? 
13 OD1 ? A ASP 1 ? A ASP 1   ? 1_555 CA ? C CA . ? A CA 102 ? 1_555 O   ? D HOH . ? A HOH 209 ? 6_654 134.6 ? 
14 OD2 ? A ASP 1 ? A ASP 1   ? 1_555 CA ? C CA . ? A CA 102 ? 1_555 O   ? D HOH . ? A HOH 209 ? 6_654 85.3  ? 
15 O   ? D HOH . ? A HOH 209 ? 1_555 CA ? C CA . ? A CA 102 ? 1_555 O   ? D HOH . ? A HOH 209 ? 6_654 0.0   ? 
16 OD1 ? A ASP 7 ? A ASP 7   ? 1_555 CA ? B CA . ? A CA 101 ? 1_555 OD1 ? A ASP 7 ? A ASP 7   ? 1_555 0.0   ? 
17 OD1 ? A ASP 7 ? A ASP 7   ? 1_555 CA ? B CA . ? A CA 101 ? 1_555 O   ? D HOH . ? A HOH 210 ? 1_555 97.4  ? 
18 OD1 ? A ASP 7 ? A ASP 7   ? 1_555 CA ? B CA . ? A CA 101 ? 1_555 O   ? D HOH . ? A HOH 210 ? 1_555 97.4  ? 
19 OD1 ? A ASP 7 ? A ASP 7   ? 1_555 CA ? B CA . ? A CA 101 ? 1_555 O   ? D HOH . ? A HOH 210 ? 7_555 98.1  ? 
20 OD1 ? A ASP 7 ? A ASP 7   ? 1_555 CA ? B CA . ? A CA 101 ? 1_555 O   ? D HOH . ? A HOH 210 ? 7_555 98.1  ? 
21 O   ? D HOH . ? A HOH 210 ? 1_555 CA ? B CA . ? A CA 101 ? 1_555 O   ? D HOH . ? A HOH 210 ? 7_555 70.8  ? 
# 
loop_
_pdbx_modification_feature.ordinal 
_pdbx_modification_feature.label_comp_id 
_pdbx_modification_feature.label_asym_id 
_pdbx_modification_feature.label_seq_id 
_pdbx_modification_feature.label_alt_id 
_pdbx_modification_feature.modified_residue_label_comp_id 
_pdbx_modification_feature.modified_residue_label_asym_id 
_pdbx_modification_feature.modified_residue_label_seq_id 
_pdbx_modification_feature.modified_residue_label_alt_id 
_pdbx_modification_feature.auth_comp_id 
_pdbx_modification_feature.auth_asym_id 
_pdbx_modification_feature.auth_seq_id 
_pdbx_modification_feature.PDB_ins_code 
_pdbx_modification_feature.symmetry 
_pdbx_modification_feature.modified_residue_auth_comp_id 
_pdbx_modification_feature.modified_residue_auth_asym_id 
_pdbx_modification_feature.modified_residue_auth_seq_id 
_pdbx_modification_feature.modified_residue_PDB_ins_code 
_pdbx_modification_feature.modified_residue_symmetry 
_pdbx_modification_feature.comp_id_linking_atom 
_pdbx_modification_feature.modified_residue_id_linking_atom 
_pdbx_modification_feature.modified_residue_id 
_pdbx_modification_feature.ref_pcm_id 
_pdbx_modification_feature.ref_comp_id 
_pdbx_modification_feature.type 
_pdbx_modification_feature.category 
1 MLE A 4  ? .   . .  . MLE A 4  ? 1_555 .   . .  . .     . .  LEU 1 MLE Methylation 'Named protein modification' 
2 ORN A 8  ? .   . .  . ORN A 8  ? 1_555 .   . .  . .     . .  ?   1 ORN Ornithine   'Named protein modification' 
3 ORN A 16 ? .   . .  . ORN A 16 ? 1_555 .   . .  . .     . .  ?   1 ORN Ornithine   'Named protein modification' 
4 ASP A 1  ? ORN A 16 ? ASP A 1  ? 1_555 ORN A 16 ? 1_555 N C  .   . .   None        'Non-standard linkage'       
5 ASP A 7  ? ORN A 8  ? ASP A 7  ? 1_555 ORN A 8  ? 1_555 C NE .   . .   None        'Non-standard linkage'       
6 THR A 15 ? ORN A 16 ? THR A 15 ? 1_555 ORN A 16 ? 1_555 C NE .   . .   None        'Non-standard linkage'       
# 
_struct_sheet.id               AA1 
_struct_sheet.type             ? 
_struct_sheet.number_strands   2 
_struct_sheet.details          ? 
# 
_struct_sheet_order.sheet_id     AA1 
_struct_sheet_order.range_id_1   1 
_struct_sheet_order.range_id_2   2 
_struct_sheet_order.offset       ? 
_struct_sheet_order.sense        anti-parallel 
# 
loop_
_struct_sheet_range.sheet_id 
_struct_sheet_range.id 
_struct_sheet_range.beg_label_comp_id 
_struct_sheet_range.beg_label_asym_id 
_struct_sheet_range.beg_label_seq_id 
_struct_sheet_range.pdbx_beg_PDB_ins_code 
_struct_sheet_range.end_label_comp_id 
_struct_sheet_range.end_label_asym_id 
_struct_sheet_range.end_label_seq_id 
_struct_sheet_range.pdbx_end_PDB_ins_code 
_struct_sheet_range.beg_auth_comp_id 
_struct_sheet_range.beg_auth_asym_id 
_struct_sheet_range.beg_auth_seq_id 
_struct_sheet_range.end_auth_comp_id 
_struct_sheet_range.end_auth_asym_id 
_struct_sheet_range.end_auth_seq_id 
AA1 1 TRP A 3  ? VAL A 6  ? TRP A 3  VAL A 6  
AA1 2 VAL A 10 ? ILE A 14 ? VAL A 10 ILE A 14 
# 
_pdbx_struct_sheet_hbond.sheet_id                AA1 
_pdbx_struct_sheet_hbond.range_id_1              1 
_pdbx_struct_sheet_hbond.range_id_2              2 
_pdbx_struct_sheet_hbond.range_1_label_atom_id   N 
_pdbx_struct_sheet_hbond.range_1_label_comp_id   GLN 
_pdbx_struct_sheet_hbond.range_1_label_asym_id   A 
_pdbx_struct_sheet_hbond.range_1_label_seq_id    5 
_pdbx_struct_sheet_hbond.range_1_PDB_ins_code    ? 
_pdbx_struct_sheet_hbond.range_1_auth_atom_id    N 
_pdbx_struct_sheet_hbond.range_1_auth_comp_id    GLN 
_pdbx_struct_sheet_hbond.range_1_auth_asym_id    A 
_pdbx_struct_sheet_hbond.range_1_auth_seq_id     5 
_pdbx_struct_sheet_hbond.range_2_label_atom_id   O 
_pdbx_struct_sheet_hbond.range_2_label_comp_id   THR 
_pdbx_struct_sheet_hbond.range_2_label_asym_id   A 
_pdbx_struct_sheet_hbond.range_2_label_seq_id    11 
_pdbx_struct_sheet_hbond.range_2_PDB_ins_code    ? 
_pdbx_struct_sheet_hbond.range_2_auth_atom_id    O 
_pdbx_struct_sheet_hbond.range_2_auth_comp_id    THR 
_pdbx_struct_sheet_hbond.range_2_auth_asym_id    A 
_pdbx_struct_sheet_hbond.range_2_auth_seq_id     11 
# 
_pdbx_entry_details.entry_id                   7JRH 
_pdbx_entry_details.nonpolymer_details         ? 
_pdbx_entry_details.sequence_details           ? 
_pdbx_entry_details.compound_details           ? 
_pdbx_entry_details.source_details             ? 
_pdbx_entry_details.has_ligand_of_interest     N 
_pdbx_entry_details.has_protein_modification   Y 
# 
loop_
_pdbx_struct_special_symmetry.id 
_pdbx_struct_special_symmetry.PDB_model_num 
_pdbx_struct_special_symmetry.auth_asym_id 
_pdbx_struct_special_symmetry.auth_comp_id 
_pdbx_struct_special_symmetry.auth_seq_id 
_pdbx_struct_special_symmetry.PDB_ins_code 
_pdbx_struct_special_symmetry.label_asym_id 
_pdbx_struct_special_symmetry.label_comp_id 
_pdbx_struct_special_symmetry.label_seq_id 
1 1 A CA  101 ? B CA  . 
2 1 A CA  102 ? C CA  . 
3 1 A HOH 207 ? D HOH . 
4 1 A HOH 208 ? D HOH . 
5 1 A HOH 209 ? D HOH . 
# 
loop_
_space_group_symop.id 
_space_group_symop.operation_xyz 
1  x,y,z               
2  z,x,y               
3  y,z,x               
4  -y,-z,x             
5  z,-x,-y             
6  -y,z,-x             
7  -z,-x,y             
8  -z,x,-y             
9  y,-z,-x             
10 x,-y,-z             
11 -x,y,-z             
12 -x,-y,z             
13 x+1/2,y+1/2,z+1/2   
14 z+1/2,x+1/2,y+1/2   
15 y+1/2,z+1/2,x+1/2   
16 -y+1/2,-z+1/2,x+1/2 
17 z+1/2,-x+1/2,-y+1/2 
18 -y+1/2,z+1/2,-x+1/2 
19 -z+1/2,-x+1/2,y+1/2 
20 -z+1/2,x+1/2,-y+1/2 
21 y+1/2,-z+1/2,-x+1/2 
22 x+1/2,-y+1/2,-z+1/2 
23 -x+1/2,y+1/2,-z+1/2 
24 -x+1/2,-y+1/2,z+1/2 
# 
_pdbx_refine_tls.id               1 
_pdbx_refine_tls.pdbx_refine_id   'X-RAY DIFFRACTION' 
_pdbx_refine_tls.details          ? 
_pdbx_refine_tls.method           refined 
_pdbx_refine_tls.origin_x         -0.24048172930 
_pdbx_refine_tls.origin_y         0.48841284059 
_pdbx_refine_tls.origin_z         -0.1323563678 
_pdbx_refine_tls.T[1][1]          0.171485060729 
_pdbx_refine_tls.T[1][1]_esd      ? 
_pdbx_refine_tls.T[1][2]          -0.003158444026 
_pdbx_refine_tls.T[1][2]_esd      ? 
_pdbx_refine_tls.T[1][3]          -0.002083015659 
_pdbx_refine_tls.T[1][3]_esd      ? 
_pdbx_refine_tls.T[2][2]          0.128363955362 
_pdbx_refine_tls.T[2][2]_esd      ? 
_pdbx_refine_tls.T[2][3]          -0.005078435507 
_pdbx_refine_tls.T[2][3]_esd      ? 
_pdbx_refine_tls.T[3][3]          0.097271784470 
_pdbx_refine_tls.T[3][3]_esd      ? 
_pdbx_refine_tls.L[1][1]          3.035894745803 
_pdbx_refine_tls.L[1][1]_esd      ? 
_pdbx_refine_tls.L[1][2]          0.61921760232 
_pdbx_refine_tls.L[1][2]_esd      ? 
_pdbx_refine_tls.L[1][3]          -0.545620863071 
_pdbx_refine_tls.L[1][3]_esd      ? 
_pdbx_refine_tls.L[2][2]          1.19325936062 
_pdbx_refine_tls.L[2][2]_esd      ? 
_pdbx_refine_tls.L[2][3]          -0.23881513363 
_pdbx_refine_tls.L[2][3]_esd      ? 
_pdbx_refine_tls.L[3][3]          0.68761796001 
_pdbx_refine_tls.L[3][3]_esd      ? 
_pdbx_refine_tls.S[1][1]          -0.165350321307 
_pdbx_refine_tls.S[1][1]_esd      ? 
_pdbx_refine_tls.S[1][2]          -0.111114459450 
_pdbx_refine_tls.S[1][2]_esd      ? 
_pdbx_refine_tls.S[1][3]          0.032704867459 
_pdbx_refine_tls.S[1][3]_esd      ? 
_pdbx_refine_tls.S[2][1]          -0.081401782491 
_pdbx_refine_tls.S[2][1]_esd      ? 
_pdbx_refine_tls.S[2][2]          0.006590645627 
_pdbx_refine_tls.S[2][2]_esd      ? 
_pdbx_refine_tls.S[2][3]          0.117873258102 
_pdbx_refine_tls.S[2][3]_esd      ? 
_pdbx_refine_tls.S[3][1]          -0.043808041292 
_pdbx_refine_tls.S[3][1]_esd      ? 
_pdbx_refine_tls.S[3][2]          -0.114531786124 
_pdbx_refine_tls.S[3][2]_esd      ? 
_pdbx_refine_tls.S[3][3]          0.062654581093 
_pdbx_refine_tls.S[3][3]_esd      ? 
# 
_pdbx_refine_tls_group.id                  1 
_pdbx_refine_tls_group.pdbx_refine_id      'X-RAY DIFFRACTION' 
_pdbx_refine_tls_group.refine_tls_id       1 
_pdbx_refine_tls_group.beg_label_asym_id   A 
_pdbx_refine_tls_group.beg_label_seq_id    1 
_pdbx_refine_tls_group.beg_auth_asym_id    A 
_pdbx_refine_tls_group.beg_auth_seq_id     1 
_pdbx_refine_tls_group.beg_PDB_ins_code    ? 
_pdbx_refine_tls_group.end_label_asym_id   C 
_pdbx_refine_tls_group.end_label_seq_id    ? 
_pdbx_refine_tls_group.end_auth_asym_id    C 
_pdbx_refine_tls_group.end_auth_seq_id     11 
_pdbx_refine_tls_group.end_PDB_ins_code    ? 
_pdbx_refine_tls_group.selection           ? 
_pdbx_refine_tls_group.selection_details   all 
# 
loop_
_chem_comp_atom.comp_id 
_chem_comp_atom.atom_id 
_chem_comp_atom.type_symbol 
_chem_comp_atom.pdbx_aromatic_flag 
_chem_comp_atom.pdbx_stereo_config 
_chem_comp_atom.pdbx_ordinal 
ASP N    N  N N 1   
ASP CA   C  N S 2   
ASP C    C  N N 3   
ASP O    O  N N 4   
ASP CB   C  N N 5   
ASP CG   C  N N 6   
ASP OD1  O  N N 7   
ASP OD2  O  N N 8   
ASP OXT  O  N N 9   
ASP H    H  N N 10  
ASP H2   H  N N 11  
ASP HA   H  N N 12  
ASP HB2  H  N N 13  
ASP HB3  H  N N 14  
ASP HD2  H  N N 15  
ASP HXT  H  N N 16  
CA  CA   CA N N 17  
GLN N    N  N N 18  
GLN CA   C  N S 19  
GLN C    C  N N 20  
GLN O    O  N N 21  
GLN CB   C  N N 22  
GLN CG   C  N N 23  
GLN CD   C  N N 24  
GLN OE1  O  N N 25  
GLN NE2  N  N N 26  
GLN OXT  O  N N 27  
GLN H    H  N N 28  
GLN H2   H  N N 29  
GLN HA   H  N N 30  
GLN HB2  H  N N 31  
GLN HB3  H  N N 32  
GLN HG2  H  N N 33  
GLN HG3  H  N N 34  
GLN HE21 H  N N 35  
GLN HE22 H  N N 36  
GLN HXT  H  N N 37  
GLU N    N  N N 38  
GLU CA   C  N S 39  
GLU C    C  N N 40  
GLU O    O  N N 41  
GLU CB   C  N N 42  
GLU CG   C  N N 43  
GLU CD   C  N N 44  
GLU OE1  O  N N 45  
GLU OE2  O  N N 46  
GLU OXT  O  N N 47  
GLU H    H  N N 48  
GLU H2   H  N N 49  
GLU HA   H  N N 50  
GLU HB2  H  N N 51  
GLU HB3  H  N N 52  
GLU HG2  H  N N 53  
GLU HG3  H  N N 54  
GLU HE2  H  N N 55  
GLU HXT  H  N N 56  
GLY N    N  N N 57  
GLY CA   C  N N 58  
GLY C    C  N N 59  
GLY O    O  N N 60  
GLY OXT  O  N N 61  
GLY H    H  N N 62  
GLY H2   H  N N 63  
GLY HA2  H  N N 64  
GLY HA3  H  N N 65  
GLY HXT  H  N N 66  
HOH O    O  N N 67  
HOH H1   H  N N 68  
HOH H2   H  N N 69  
ILE N    N  N N 70  
ILE CA   C  N S 71  
ILE C    C  N N 72  
ILE O    O  N N 73  
ILE CB   C  N S 74  
ILE CG1  C  N N 75  
ILE CG2  C  N N 76  
ILE CD1  C  N N 77  
ILE OXT  O  N N 78  
ILE H    H  N N 79  
ILE H2   H  N N 80  
ILE HA   H  N N 81  
ILE HB   H  N N 82  
ILE HG12 H  N N 83  
ILE HG13 H  N N 84  
ILE HG21 H  N N 85  
ILE HG22 H  N N 86  
ILE HG23 H  N N 87  
ILE HD11 H  N N 88  
ILE HD12 H  N N 89  
ILE HD13 H  N N 90  
ILE HXT  H  N N 91  
MLE N    N  N N 92  
MLE CN   C  N N 93  
MLE CA   C  N S 94  
MLE CB   C  N N 95  
MLE CG   C  N N 96  
MLE CD1  C  N N 97  
MLE CD2  C  N N 98  
MLE C    C  N N 99  
MLE O    O  N N 100 
MLE OXT  O  N N 101 
MLE H    H  N N 102 
MLE HN1  H  N N 103 
MLE HN2  H  N N 104 
MLE HN3  H  N N 105 
MLE HA   H  N N 106 
MLE HB2  H  N N 107 
MLE HB3  H  N N 108 
MLE HG   H  N N 109 
MLE HD11 H  N N 110 
MLE HD12 H  N N 111 
MLE HD13 H  N N 112 
MLE HD21 H  N N 113 
MLE HD22 H  N N 114 
MLE HD23 H  N N 115 
MLE HXT  H  N N 116 
ORN N    N  N N 117 
ORN CA   C  N S 118 
ORN CB   C  N N 119 
ORN CG   C  N N 120 
ORN CD   C  N N 121 
ORN NE   N  N N 122 
ORN C    C  N N 123 
ORN O    O  N N 124 
ORN OXT  O  N N 125 
ORN H    H  N N 126 
ORN H2   H  N N 127 
ORN HA   H  N N 128 
ORN HB2  H  N N 129 
ORN HB3  H  N N 130 
ORN HG2  H  N N 131 
ORN HG3  H  N N 132 
ORN HD2  H  N N 133 
ORN HD3  H  N N 134 
ORN HE1  H  N N 135 
ORN HE2  H  N N 136 
ORN HXT  H  N N 137 
THR N    N  N N 138 
THR CA   C  N S 139 
THR C    C  N N 140 
THR O    O  N N 141 
THR CB   C  N R 142 
THR OG1  O  N N 143 
THR CG2  C  N N 144 
THR OXT  O  N N 145 
THR H    H  N N 146 
THR H2   H  N N 147 
THR HA   H  N N 148 
THR HB   H  N N 149 
THR HG1  H  N N 150 
THR HG21 H  N N 151 
THR HG22 H  N N 152 
THR HG23 H  N N 153 
THR HXT  H  N N 154 
TRP N    N  N N 155 
TRP CA   C  N S 156 
TRP C    C  N N 157 
TRP O    O  N N 158 
TRP CB   C  N N 159 
TRP CG   C  Y N 160 
TRP CD1  C  Y N 161 
TRP CD2  C  Y N 162 
TRP NE1  N  Y N 163 
TRP CE2  C  Y N 164 
TRP CE3  C  Y N 165 
TRP CZ2  C  Y N 166 
TRP CZ3  C  Y N 167 
TRP CH2  C  Y N 168 
TRP OXT  O  N N 169 
TRP H    H  N N 170 
TRP H2   H  N N 171 
TRP HA   H  N N 172 
TRP HB2  H  N N 173 
TRP HB3  H  N N 174 
TRP HD1  H  N N 175 
TRP HE1  H  N N 176 
TRP HE3  H  N N 177 
TRP HZ2  H  N N 178 
TRP HZ3  H  N N 179 
TRP HH2  H  N N 180 
TRP HXT  H  N N 181 
VAL N    N  N N 182 
VAL CA   C  N S 183 
VAL C    C  N N 184 
VAL O    O  N N 185 
VAL CB   C  N N 186 
VAL CG1  C  N N 187 
VAL CG2  C  N N 188 
VAL OXT  O  N N 189 
VAL H    H  N N 190 
VAL H2   H  N N 191 
VAL HA   H  N N 192 
VAL HB   H  N N 193 
VAL HG11 H  N N 194 
VAL HG12 H  N N 195 
VAL HG13 H  N N 196 
VAL HG21 H  N N 197 
VAL HG22 H  N N 198 
VAL HG23 H  N N 199 
VAL HXT  H  N N 200 
# 
loop_
_chem_comp_bond.comp_id 
_chem_comp_bond.atom_id_1 
_chem_comp_bond.atom_id_2 
_chem_comp_bond.value_order 
_chem_comp_bond.pdbx_aromatic_flag 
_chem_comp_bond.pdbx_stereo_config 
_chem_comp_bond.pdbx_ordinal 
ASP N   CA   sing N N 1   
ASP N   H    sing N N 2   
ASP N   H2   sing N N 3   
ASP CA  C    sing N N 4   
ASP CA  CB   sing N N 5   
ASP CA  HA   sing N N 6   
ASP C   O    doub N N 7   
ASP C   OXT  sing N N 8   
ASP CB  CG   sing N N 9   
ASP CB  HB2  sing N N 10  
ASP CB  HB3  sing N N 11  
ASP CG  OD1  doub N N 12  
ASP CG  OD2  sing N N 13  
ASP OD2 HD2  sing N N 14  
ASP OXT HXT  sing N N 15  
GLN N   CA   sing N N 16  
GLN N   H    sing N N 17  
GLN N   H2   sing N N 18  
GLN CA  C    sing N N 19  
GLN CA  CB   sing N N 20  
GLN CA  HA   sing N N 21  
GLN C   O    doub N N 22  
GLN C   OXT  sing N N 23  
GLN CB  CG   sing N N 24  
GLN CB  HB2  sing N N 25  
GLN CB  HB3  sing N N 26  
GLN CG  CD   sing N N 27  
GLN CG  HG2  sing N N 28  
GLN CG  HG3  sing N N 29  
GLN CD  OE1  doub N N 30  
GLN CD  NE2  sing N N 31  
GLN NE2 HE21 sing N N 32  
GLN NE2 HE22 sing N N 33  
GLN OXT HXT  sing N N 34  
GLU N   CA   sing N N 35  
GLU N   H    sing N N 36  
GLU N   H2   sing N N 37  
GLU CA  C    sing N N 38  
GLU CA  CB   sing N N 39  
GLU CA  HA   sing N N 40  
GLU C   O    doub N N 41  
GLU C   OXT  sing N N 42  
GLU CB  CG   sing N N 43  
GLU CB  HB2  sing N N 44  
GLU CB  HB3  sing N N 45  
GLU CG  CD   sing N N 46  
GLU CG  HG2  sing N N 47  
GLU CG  HG3  sing N N 48  
GLU CD  OE1  doub N N 49  
GLU CD  OE2  sing N N 50  
GLU OE2 HE2  sing N N 51  
GLU OXT HXT  sing N N 52  
GLY N   CA   sing N N 53  
GLY N   H    sing N N 54  
GLY N   H2   sing N N 55  
GLY CA  C    sing N N 56  
GLY CA  HA2  sing N N 57  
GLY CA  HA3  sing N N 58  
GLY C   O    doub N N 59  
GLY C   OXT  sing N N 60  
GLY OXT HXT  sing N N 61  
HOH O   H1   sing N N 62  
HOH O   H2   sing N N 63  
ILE N   CA   sing N N 64  
ILE N   H    sing N N 65  
ILE N   H2   sing N N 66  
ILE CA  C    sing N N 67  
ILE CA  CB   sing N N 68  
ILE CA  HA   sing N N 69  
ILE C   O    doub N N 70  
ILE C   OXT  sing N N 71  
ILE CB  CG1  sing N N 72  
ILE CB  CG2  sing N N 73  
ILE CB  HB   sing N N 74  
ILE CG1 CD1  sing N N 75  
ILE CG1 HG12 sing N N 76  
ILE CG1 HG13 sing N N 77  
ILE CG2 HG21 sing N N 78  
ILE CG2 HG22 sing N N 79  
ILE CG2 HG23 sing N N 80  
ILE CD1 HD11 sing N N 81  
ILE CD1 HD12 sing N N 82  
ILE CD1 HD13 sing N N 83  
ILE OXT HXT  sing N N 84  
MLE N   CN   sing N N 85  
MLE N   CA   sing N N 86  
MLE N   H    sing N N 87  
MLE CN  HN1  sing N N 88  
MLE CN  HN2  sing N N 89  
MLE CN  HN3  sing N N 90  
MLE CA  CB   sing N N 91  
MLE CA  C    sing N N 92  
MLE CA  HA   sing N N 93  
MLE CB  CG   sing N N 94  
MLE CB  HB2  sing N N 95  
MLE CB  HB3  sing N N 96  
MLE CG  CD1  sing N N 97  
MLE CG  CD2  sing N N 98  
MLE CG  HG   sing N N 99  
MLE CD1 HD11 sing N N 100 
MLE CD1 HD12 sing N N 101 
MLE CD1 HD13 sing N N 102 
MLE CD2 HD21 sing N N 103 
MLE CD2 HD22 sing N N 104 
MLE CD2 HD23 sing N N 105 
MLE C   O    doub N N 106 
MLE C   OXT  sing N N 107 
MLE OXT HXT  sing N N 108 
ORN N   CA   sing N N 109 
ORN N   H    sing N N 110 
ORN N   H2   sing N N 111 
ORN CA  CB   sing N N 112 
ORN CA  C    sing N N 113 
ORN CA  HA   sing N N 114 
ORN CB  CG   sing N N 115 
ORN CB  HB2  sing N N 116 
ORN CB  HB3  sing N N 117 
ORN CG  CD   sing N N 118 
ORN CG  HG2  sing N N 119 
ORN CG  HG3  sing N N 120 
ORN CD  NE   sing N N 121 
ORN CD  HD2  sing N N 122 
ORN CD  HD3  sing N N 123 
ORN NE  HE1  sing N N 124 
ORN NE  HE2  sing N N 125 
ORN C   O    doub N N 126 
ORN C   OXT  sing N N 127 
ORN OXT HXT  sing N N 128 
THR N   CA   sing N N 129 
THR N   H    sing N N 130 
THR N   H2   sing N N 131 
THR CA  C    sing N N 132 
THR CA  CB   sing N N 133 
THR CA  HA   sing N N 134 
THR C   O    doub N N 135 
THR C   OXT  sing N N 136 
THR CB  OG1  sing N N 137 
THR CB  CG2  sing N N 138 
THR CB  HB   sing N N 139 
THR OG1 HG1  sing N N 140 
THR CG2 HG21 sing N N 141 
THR CG2 HG22 sing N N 142 
THR CG2 HG23 sing N N 143 
THR OXT HXT  sing N N 144 
TRP N   CA   sing N N 145 
TRP N   H    sing N N 146 
TRP N   H2   sing N N 147 
TRP CA  C    sing N N 148 
TRP CA  CB   sing N N 149 
TRP CA  HA   sing N N 150 
TRP C   O    doub N N 151 
TRP C   OXT  sing N N 152 
TRP CB  CG   sing N N 153 
TRP CB  HB2  sing N N 154 
TRP CB  HB3  sing N N 155 
TRP CG  CD1  doub Y N 156 
TRP CG  CD2  sing Y N 157 
TRP CD1 NE1  sing Y N 158 
TRP CD1 HD1  sing N N 159 
TRP CD2 CE2  doub Y N 160 
TRP CD2 CE3  sing Y N 161 
TRP NE1 CE2  sing Y N 162 
TRP NE1 HE1  sing N N 163 
TRP CE2 CZ2  sing Y N 164 
TRP CE3 CZ3  doub Y N 165 
TRP CE3 HE3  sing N N 166 
TRP CZ2 CH2  doub Y N 167 
TRP CZ2 HZ2  sing N N 168 
TRP CZ3 CH2  sing Y N 169 
TRP CZ3 HZ3  sing N N 170 
TRP CH2 HH2  sing N N 171 
TRP OXT HXT  sing N N 172 
VAL N   CA   sing N N 173 
VAL N   H    sing N N 174 
VAL N   H2   sing N N 175 
VAL CA  C    sing N N 176 
VAL CA  CB   sing N N 177 
VAL CA  HA   sing N N 178 
VAL C   O    doub N N 179 
VAL C   OXT  sing N N 180 
VAL CB  CG1  sing N N 181 
VAL CB  CG2  sing N N 182 
VAL CB  HB   sing N N 183 
VAL CG1 HG11 sing N N 184 
VAL CG1 HG12 sing N N 185 
VAL CG1 HG13 sing N N 186 
VAL CG2 HG21 sing N N 187 
VAL CG2 HG22 sing N N 188 
VAL CG2 HG23 sing N N 189 
VAL OXT HXT  sing N N 190 
# 
loop_
_pdbx_audit_support.funding_organization 
_pdbx_audit_support.country 
_pdbx_audit_support.grant_number 
_pdbx_audit_support.ordinal 
'National Institutes of Health/National Institute of General Medical Sciences (NIH/NIGMS)' 'United States' GM097562   1 
'National Science Foundation (NSF, United States)'                                         'United States' CHE1808096 2 
# 
_space_group.name_H-M_alt     'I 2 3' 
_space_group.name_Hall        'I 2 2 3' 
_space_group.IT_number        197 
_space_group.crystal_system   cubic 
_space_group.id               1 
# 
_atom_sites.entry_id                    7JRH 
_atom_sites.Cartn_transf_matrix[1][1]   ? 
_atom_sites.Cartn_transf_matrix[1][2]   ? 
_atom_sites.Cartn_transf_matrix[1][3]   ? 
_atom_sites.Cartn_transf_matrix[2][1]   ? 
_atom_sites.Cartn_transf_matrix[2][2]   ? 
_atom_sites.Cartn_transf_matrix[2][3]   ? 
_atom_sites.Cartn_transf_matrix[3][1]   ? 
_atom_sites.Cartn_transf_matrix[3][2]   ? 
_atom_sites.Cartn_transf_matrix[3][3]   ? 
_atom_sites.Cartn_transf_vector[1]      ? 
_atom_sites.Cartn_transf_vector[2]      ? 
_atom_sites.Cartn_transf_vector[3]      ? 
_atom_sites.fract_transf_matrix[1][1]   -0.00406827 
_atom_sites.fract_transf_matrix[1][2]   0.02052045 
_atom_sites.fract_transf_matrix[1][3]   0.01078660 
_atom_sites.fract_transf_matrix[2][1]   0.01466237 
_atom_sites.fract_transf_matrix[2][2]   -0.00620526 
_atom_sites.fract_transf_matrix[2][3]   0.01733494 
_atom_sites.fract_transf_matrix[3][1]   0.01795702 
_atom_sites.fract_transf_matrix[3][2]   0.00971578 
_atom_sites.fract_transf_matrix[3][3]   -0.01171066 
_atom_sites.fract_transf_vector[1]      0.122897 
_atom_sites.fract_transf_vector[2]      -0.128736 
_atom_sites.fract_transf_vector[3]      -0.471552 
_atom_sites.solution_primary            ? 
_atom_sites.solution_secondary          ? 
_atom_sites.solution_hydrogens          ? 
_atom_sites.special_details             ? 
# 
loop_
_atom_type.symbol 
_atom_type.scat_dispersion_real 
_atom_type.scat_dispersion_imag 
_atom_type.scat_Cromer_Mann_a1 
_atom_type.scat_Cromer_Mann_a2 
_atom_type.scat_Cromer_Mann_a3 
_atom_type.scat_Cromer_Mann_a4 
_atom_type.scat_Cromer_Mann_b1 
_atom_type.scat_Cromer_Mann_b2 
_atom_type.scat_Cromer_Mann_b3 
_atom_type.scat_Cromer_Mann_b4 
_atom_type.scat_Cromer_Mann_c 
_atom_type.scat_source 
_atom_type.scat_dispersion_source 
C  ? ? 3.54356 2.42580 ?       ? 25.62398 1.50364 ?        ? 0.0 
;2-Gaussian fit: Grosse-Kunstleve RW, Sauter NK, Adams PD: Newsletter of the IUCr Commission on Crystallographic Computing 2004, 3, 22-31.
;
? 
CA ? ? 8.75937 8.41257 2.76798 ? 9.64476  0.47514 97.39057 ? 0.0 
;3-Gaussian fit: Grosse-Kunstleve RW, Sauter NK, Adams PD: Newsletter of the IUCr Commission on Crystallographic Computing 2004, 3, 22-31.
;
? 
H  ? ? 0.51345 0.48472 ?       ? 24.73122 6.32584 ?        ? 0.0 
;2-Gaussian fit: Grosse-Kunstleve RW, Sauter NK, Adams PD: Newsletter of the IUCr Commission on Crystallographic Computing 2004, 3, 22-31.
;
? 
N  ? ? 4.01032 2.96436 ?       ? 19.97189 1.75589 ?        ? 0.0 
;2-Gaussian fit: Grosse-Kunstleve RW, Sauter NK, Adams PD: Newsletter of the IUCr Commission on Crystallographic Computing 2004, 3, 22-31.
;
? 
O  ? ? 4.49882 3.47563 ?       ? 15.80542 1.70748 ?        ? 0.0 
;2-Gaussian fit: Grosse-Kunstleve RW, Sauter NK, Adams PD: Newsletter of the IUCr Commission on Crystallographic Computing 2004, 3, 22-31.
;
? 
# 
loop_
_atom_site.group_PDB 
_atom_site.id 
_atom_site.type_symbol 
_atom_site.label_atom_id 
_atom_site.label_alt_id 
_atom_site.label_comp_id 
_atom_site.label_asym_id 
_atom_site.label_entity_id 
_atom_site.label_seq_id 
_atom_site.pdbx_PDB_ins_code 
_atom_site.Cartn_x 
_atom_site.Cartn_y 
_atom_site.Cartn_z 
_atom_site.occupancy 
_atom_site.B_iso_or_equiv 
_atom_site.pdbx_formal_charge 
_atom_site.auth_seq_id 
_atom_site.auth_comp_id 
_atom_site.auth_asym_id 
_atom_site.auth_atom_id 
_atom_site.pdbx_PDB_model_num 
ATOM   1   N  N   . ASP A 1 1  ? -9.90222  -0.31556 6.07089   1.000 20.75449 ? 1   ASP A N   1 
ATOM   2   C  CA  . ASP A 1 1  ? -9.40410  -0.30006 4.70345   1.000 21.50652 ? 1   ASP A CA  1 
ATOM   3   C  C   . ASP A 1 1  ? -7.94780  -0.72529 4.67580   1.000 20.07570 ? 1   ASP A C   1 
ATOM   4   O  O   . ASP A 1 1  ? -7.21105  -0.50294 5.64366   1.000 19.00830 ? 1   ASP A O   1 
ATOM   5   C  CB  . ASP A 1 1  ? -9.44784  1.12144  4.16993   1.000 21.24219 ? 1   ASP A CB  1 
ATOM   6   C  CG  . ASP A 1 1  ? -10.81272 1.54131  3.74591   1.000 29.36159 ? 1   ASP A CG  1 
ATOM   7   O  OD1 . ASP A 1 1  ? -11.70011 0.65639  3.67763   1.000 20.54115 ? 1   ASP A OD1 1 
ATOM   8   O  OD2 . ASP A 1 1  ? -10.99370 2.77079  3.51488   1.000 24.38057 ? 1   ASP A OD2 1 
ATOM   9   N  N   . GLN A 1 2  ? -7.50421  -1.28877 3.55754   1.000 15.50080 ? 2   GLN A N   1 
ATOM   10  C  CA  . GLN A 1 2  ? -6.07414  -1.43694 3.32515   1.000 15.64839 ? 2   GLN A CA  1 
ATOM   11  C  C   . GLN A 1 2  ? -5.55045  -0.25009 2.52567   1.000 17.76792 ? 2   GLN A C   1 
ATOM   12  O  O   . GLN A 1 2  ? -6.18170  0.18150  1.55861   1.000 20.40290 ? 2   GLN A O   1 
ATOM   13  C  CB  . GLN A 1 2  ? -5.77739  -2.75135 2.61667   1.000 12.55166 ? 2   GLN A CB  1 
ATOM   14  C  CG  . GLN A 1 2  ? -6.03213  -3.90881 3.55175   1.000 15.83663 ? 2   GLN A CG  1 
ATOM   15  C  CD  . GLN A 1 2  ? -5.71065  -5.24214 2.93213   1.000 16.74298 ? 2   GLN A CD  1 
ATOM   16  O  OE1 . GLN A 1 2  ? -6.32173  -5.64595 1.94724   1.000 16.24262 ? 2   GLN A OE1 1 
ATOM   17  N  NE2 . GLN A 1 2  ? -4.76220  -5.94700 3.52350   1.000 18.83090 ? 2   GLN A NE2 1 
ATOM   18  N  N   . TRP A 1 3  ? -4.41135  0.28417  2.94539   1.000 14.09882 ? 3   TRP A N   1 
ATOM   19  C  CA  . TRP A 1 3  ? -3.73223  1.30593  2.18049   1.000 15.14471 ? 3   TRP A CA  1 
ATOM   20  C  C   . TRP A 1 3  ? -2.59068  0.61356  1.46075   1.000 15.07777 ? 3   TRP A C   1 
ATOM   21  O  O   . TRP A 1 3  ? -1.80134  -0.08476 2.08043   1.000 14.42752 ? 3   TRP A O   1 
ATOM   22  C  CB  . TRP A 1 3  ? -3.17808  2.37305  3.10996   1.000 17.35259 ? 3   TRP A CB  1 
ATOM   23  C  CG  . TRP A 1 3  ? -2.46079  3.51037  2.42713   1.000 17.41761 ? 3   TRP A CG  1 
ATOM   24  C  CD1 . TRP A 1 3  ? -3.00683  4.45725  1.61535   1.000 17.18402 ? 3   TRP A CD1 1 
ATOM   25  C  CD2 . TRP A 1 3  ? -1.06534  3.82784  2.53021   1.000 17.59068 ? 3   TRP A CD2 1 
ATOM   26  N  NE1 . TRP A 1 3  ? -2.03623  5.34620  1.19916   1.000 15.76482 ? 3   TRP A NE1 1 
ATOM   27  C  CE2 . TRP A 1 3  ? -0.83891  4.98285  1.75144   1.000 18.55853 ? 3   TRP A CE2 1 
ATOM   28  C  CE3 . TRP A 1 3  ? 0.01085   3.25471  3.21222   1.000 18.75295 ? 3   TRP A CE3 1 
ATOM   29  C  CZ2 . TRP A 1 3  ? 0.42567   5.56783  1.62871   1.000 19.51855 ? 3   TRP A CZ2 1 
ATOM   30  C  CZ3 . TRP A 1 3  ? 1.26009   3.83941  3.09141   1.000 22.56488 ? 3   TRP A CZ3 1 
ATOM   31  C  CH2 . TRP A 1 3  ? 1.45640   4.98450  2.30614   1.000 19.30129 ? 3   TRP A CH2 1 
HETATM 32  N  N   . MLE A 1 4  ? -2.51265  0.77946  0.15096   1.000 15.88835 ? 4   MLE A N   1 
HETATM 33  C  CN  . MLE A 1 4  ? -3.50372  1.49358  -0.64205  1.000 14.02759 ? 4   MLE A CN  1 
HETATM 34  C  CA  . MLE A 1 4  ? -1.37053  0.22510  -0.57761  1.000 14.67330 ? 4   MLE A CA  1 
HETATM 35  C  CB  . MLE A 1 4  ? -1.70014  -0.62092 -1.80456  1.000 15.22465 ? 4   MLE A CB  1 
HETATM 36  C  CG  . MLE A 1 4  ? -2.18521  -2.03843 -1.49291  1.000 20.29125 ? 4   MLE A CG  1 
HETATM 37  C  CD1 . MLE A 1 4  ? -2.09908  -2.90809 -2.73352  1.000 20.00526 ? 4   MLE A CD1 1 
HETATM 38  C  CD2 . MLE A 1 4  ? -3.61043  -2.08783 -0.96393  1.000 22.91587 ? 4   MLE A CD2 1 
HETATM 39  C  C   . MLE A 1 4  ? -0.33399  1.35953  -0.89038  1.000 15.59830 ? 4   MLE A C   1 
HETATM 40  O  O   . MLE A 1 4  ? -0.71659  2.40402  -1.47830  1.000 17.41694 ? 4   MLE A O   1 
ATOM   41  N  N   . GLN A 1 5  ? 0.91080   1.19622  -0.46440  1.000 13.81177 ? 5   GLN A N   1 
ATOM   42  C  CA  . GLN A 1 5  ? 1.89656   2.24082  -0.70473  1.000 14.16416 ? 5   GLN A CA  1 
ATOM   43  C  C   . GLN A 1 5  ? 2.42627   2.07872  -2.11726  1.000 15.85441 ? 5   GLN A C   1 
ATOM   44  O  O   . GLN A 1 5  ? 2.99850   1.04462  -2.45379  1.000 17.12212 ? 5   GLN A O   1 
ATOM   45  C  CB  . GLN A 1 5  ? 3.03106   2.16461  0.32371   1.000 15.23492 ? 5   GLN A CB  1 
ATOM   46  C  CG  . GLN A 1 5  ? 4.08497   3.28752  0.22380   1.000 13.60838 ? 5   GLN A CG  1 
ATOM   47  C  CD  . GLN A 1 5  ? 5.20667   3.12990  1.24143   1.000 16.71135 ? 5   GLN A CD  1 
ATOM   48  O  OE1 . GLN A 1 5  ? 5.68098   2.01379  1.49485   1.000 15.54363 ? 5   GLN A OE1 1 
ATOM   49  N  NE2 . GLN A 1 5  ? 5.64396   4.25253  1.83048   1.000 15.96598 ? 5   GLN A NE2 1 
ATOM   50  N  N   . VAL A 1 6  ? 2.21600   3.08664  -2.95975  1.000 16.04175 ? 6   VAL A N   1 
ATOM   51  C  CA  . VAL A 1 6  ? 2.62054   3.03395  -4.36294  1.000 17.40551 ? 6   VAL A CA  1 
ATOM   52  C  C   . VAL A 1 6  ? 3.76470   4.00789  -4.59086  1.000 16.40596 ? 6   VAL A C   1 
ATOM   53  O  O   . VAL A 1 6  ? 3.69235   5.17451  -4.18441  1.000 18.90829 ? 6   VAL A O   1 
ATOM   54  C  CB  . VAL A 1 6  ? 1.44534   3.30321  -5.32443  1.000 18.08791 ? 6   VAL A CB  1 
ATOM   55  C  CG1 . VAL A 1 6  ? 1.92692   3.23676  -6.78154  1.000 16.67813 ? 6   VAL A CG1 1 
ATOM   56  C  CG2 . VAL A 1 6  ? 0.32400   2.29116  -5.08187  1.000 17.50821 ? 6   VAL A CG2 1 
ATOM   57  N  N   . ASP A 1 7  ? 4.80624   3.53387  -5.26077  1.000 13.73223 ? 7   ASP A N   1 
ATOM   58  C  CA  . ASP A 1 7  ? 5.94107   4.36473  -5.60046  1.000 14.91340 ? 7   ASP A CA  1 
ATOM   59  C  C   . ASP A 1 7  ? 6.18709   4.24295  -7.10472  1.000 16.68153 ? 7   ASP A C   1 
ATOM   60  O  O   . ASP A 1 7  ? 6.88682   3.33823  -7.55308  1.000 16.85394 ? 7   ASP A O   1 
ATOM   61  C  CB  . ASP A 1 7  ? 7.16160   3.90793  -4.79328  1.000 15.98600 ? 7   ASP A CB  1 
ATOM   62  C  CG  . ASP A 1 7  ? 8.41369   4.74388  -5.06761  1.000 27.57337 ? 7   ASP A CG  1 
ATOM   63  O  OD1 . ASP A 1 7  ? 8.36731   5.68478  -5.89178  1.000 21.06268 ? 7   ASP A OD1 1 
ATOM   64  O  OD2 . ASP A 1 7  ? 9.46134   4.44055  -4.45192  1.000 32.76229 ? 7   ASP A OD2 1 
HETATM 65  N  N   . ORN A 1 8  ? 5.91367   2.19304  -11.81338 1.000 15.75597 ? 8   ORN A N   1 
HETATM 66  C  CA  . ORN A 1 8  ? 5.71458   2.24279  -10.31947 1.000 19.70988 ? 8   ORN A CA  1 
HETATM 67  C  CB  . ORN A 1 8  ? 4.44348   3.03516  -9.92572  1.000 17.17113 ? 8   ORN A CB  1 
HETATM 68  C  CG  . ORN A 1 8  ? 4.55005   4.54957  -10.09739 1.000 22.85788 ? 8   ORN A CG  1 
HETATM 69  C  CD  . ORN A 1 8  ? 5.75764   5.12506  -9.36773  1.000 16.37042 ? 8   ORN A CD  1 
HETATM 70  N  NE  . ORN A 1 8  ? 5.55968   5.16104  -7.91654  1.000 16.92089 ? 8   ORN A NE  1 
HETATM 71  C  C   . ORN A 1 8  ? 5.60466   0.81874  -9.74140  1.000 15.75346 ? 8   ORN A C   1 
HETATM 72  O  O   . ORN A 1 8  ? 5.22179   -0.12329 -10.42703 1.000 15.95523 ? 8   ORN A O   1 
ATOM   73  N  N   . GLU A 1 9  ? 5.96825   0.70444  -8.42504  1.000 15.89503 ? 9   GLU A N   1 
ATOM   74  C  CA  . GLU A 1 9  ? 5.91790   -0.54761 -7.68840  1.000 15.93897 ? 9   GLU A CA  1 
ATOM   75  C  C   . GLU A 1 9  ? 5.02155   -0.31657 -6.49879  1.000 16.89481 ? 9   GLU A C   1 
ATOM   76  O  O   . GLU A 1 9  ? 4.82116   0.83614  -6.07760  1.000 14.68416 ? 9   GLU A O   1 
ATOM   77  C  CB  . GLU A 1 9  ? 7.29224   -0.91262 -7.13979  1.000 18.75611 ? 9   GLU A CB  1 
ATOM   78  C  CG  . GLU A 1 9  ? 8.35626   -1.12947 -8.19521  1.000 22.15964 ? 9   GLU A CG  1 
ATOM   79  C  CD  . GLU A 1 9  ? 7.95798   -2.17738 -9.21423  1.000 29.05127 ? 9   GLU A CD  1 
ATOM   80  O  OE1 . GLU A 1 9  ? 7.79395   -1.82011 -10.40162 1.000 34.74173 ? 9   GLU A OE1 1 
ATOM   81  O  OE2 . GLU A 1 9  ? 7.81602   -3.35797 -8.82911  1.000 31.63846 ? 9   GLU A OE2 1 
ATOM   82  N  N   . VAL A 1 10 ? 4.48052   -1.40229 -5.95822  1.000 15.65976 ? 10  VAL A N   1 
ATOM   83  C  CA  . VAL A 1 10 ? 3.83428   -1.36907 -4.65481  1.000 14.05110 ? 10  VAL A CA  1 
ATOM   84  C  C   . VAL A 1 10 ? 4.91402   -1.65624 -3.61720  1.000 14.96246 ? 10  VAL A C   1 
ATOM   85  O  O   . VAL A 1 10 ? 5.58287   -2.69396 -3.68239  1.000 15.32769 ? 10  VAL A O   1 
ATOM   86  C  CB  . VAL A 1 10 ? 2.69051   -2.39089 -4.57046  1.000 15.51668 ? 10  VAL A CB  1 
ATOM   87  C  CG1 . VAL A 1 10 ? 2.09836   -2.38534 -3.16258  1.000 15.62975 ? 10  VAL A CG1 1 
ATOM   88  C  CG2 . VAL A 1 10 ? 1.62065   -2.08802 -5.59218  1.000 15.40886 ? 10  VAL A CG2 1 
ATOM   89  N  N   . THR A 1 11 ? 5.10193   -0.73531 -2.66747  1.000 12.41951 ? 11  THR A N   1 
ATOM   90  C  CA  . THR A 1 11 ? 6.18957   -0.85126 -1.70709  1.000 13.18891 ? 11  THR A CA  1 
ATOM   91  C  C   . THR A 1 11 ? 5.69893   -1.06511 -0.28718  1.000 15.06410 ? 11  THR A C   1 
ATOM   92  O  O   . THR A 1 11 ? 6.49429   -0.99732 0.65162   1.000 18.96888 ? 11  THR A O   1 
ATOM   93  C  CB  . THR A 1 11 ? 7.08448   0.38396  -1.76348  1.000 16.49770 ? 11  THR A CB  1 
ATOM   94  O  OG1 . THR A 1 11 ? 6.35109   1.52526  -1.30974  1.000 16.37897 ? 11  THR A OG1 1 
ATOM   95  C  CG2 . THR A 1 11 ? 7.58455   0.62273  -3.18941  1.000 14.01669 ? 11  THR A CG2 1 
ATOM   96  N  N   . GLY A 1 12 ? 4.41608   -1.29304 -0.09783  1.000 13.13642 ? 12  GLY A N   1 
ATOM   97  C  CA  . GLY A 1 12 ? 3.92703   -1.52767 1.23861   1.000 14.98037 ? 12  GLY A CA  1 
ATOM   98  C  C   . GLY A 1 12 ? 2.42682   -1.65755 1.24784   1.000 13.80778 ? 12  GLY A C   1 
ATOM   99  O  O   . GLY A 1 12 ? 1.73905   -1.41873 0.24559   1.000 14.92503 ? 12  GLY A O   1 
ATOM   100 N  N   . ILE A 1 13 ? 1.92753   -2.05426 2.41051   1.000 12.48194 ? 13  ILE A N   1 
ATOM   101 C  CA  . ILE A 1 13 ? 0.49757   -2.20632 2.61208   1.000 13.82642 ? 13  ILE A CA  1 
ATOM   102 C  C   . ILE A 1 13 ? 0.23254   -2.11307 4.10980   1.000 15.12815 ? 13  ILE A C   1 
ATOM   103 O  O   . ILE A 1 13 ? 1.02259   -2.60273 4.91504   1.000 16.65319 ? 13  ILE A O   1 
ATOM   104 C  CB  . ILE A 1 13 ? -0.00130  -3.51803 1.96454   1.000 17.58224 ? 13  ILE A CB  1 
ATOM   105 C  CG1 . ILE A 1 13 ? -1.51198  -3.65677 2.12872   1.000 20.98609 ? 13  ILE A CG1 1 
ATOM   106 C  CG2 . ILE A 1 13 ? 0.72885   -4.69593 2.53335   1.000 20.94619 ? 13  ILE A CG2 1 
ATOM   107 C  CD1 . ILE A 1 13 ? -2.12365  -4.67885 1.17663   1.000 19.42717 ? 13  ILE A CD1 1 
ATOM   108 N  N   . ILE A 1 14 ? -0.82847  -1.38009 4.47164   1.000 14.07366 ? 14  ILE A N   1 
ATOM   109 C  CA  . ILE A 1 14 ? -1.37453  -1.20873 5.82610   1.000 19.46447 ? 14  ILE A CA  1 
ATOM   110 C  C   . ILE A 1 14 ? -2.78989  -1.72445 5.90352   1.000 18.02282 ? 14  ILE A C   1 
ATOM   111 O  O   . ILE A 1 14 ? -3.57500  -1.55133 4.97267   1.000 19.09693 ? 14  ILE A O   1 
ATOM   112 C  CB  . ILE A 1 14 ? -1.35877  0.25295  6.34229   1.000 18.07365 ? 14  ILE A CB  1 
ATOM   113 C  CG1 . ILE A 1 14 ? -0.00826  0.82427  6.10090   1.000 24.42299 ? 14  ILE A CG1 1 
ATOM   114 C  CG2 . ILE A 1 14 ? -1.81490  0.39716  7.79463   1.000 25.59326 ? 14  ILE A CG2 1 
ATOM   115 C  CD1 . ILE A 1 14 ? 0.87284   0.17325  7.15152   1.000 33.70310 ? 14  ILE A CD1 1 
ATOM   116 N  N   . THR A 1 15 ? -3.12508  -2.31177 7.04645   1.000 14.53700 ? 15  THR A N   1 
ATOM   117 C  CA  . THR A 1 15 ? -4.49868  -2.64867 7.33422   1.000 14.78655 ? 15  THR A CA  1 
ATOM   118 C  C   . THR A 1 15 ? -5.00225  -1.76845 8.47509   1.000 14.90114 ? 15  THR A C   1 
ATOM   119 O  O   . THR A 1 15 ? -4.51802  -1.84438 9.59632   1.000 14.60184 ? 15  THR A O   1 
ATOM   120 C  CB  . THR A 1 15 ? -4.61905  -4.13609 7.69648   1.000 20.09508 ? 15  THR A CB  1 
ATOM   121 O  OG1 . THR A 1 15 ? -4.12468  -4.91864 6.59914   1.000 21.83598 ? 15  THR A OG1 1 
ATOM   122 C  CG2 . THR A 1 15 ? -6.05576  -4.50314 7.97090   1.000 18.64251 ? 15  THR A CG2 1 
HETATM 123 N  N   . ORN A 1 16 ? -10.78605 -2.54804 8.83118   1.000 26.16616 ? 16  ORN A N   1 
HETATM 124 C  CA  . ORN A 1 16 ? -10.08487 -1.31698 8.39542   1.000 26.19153 ? 16  ORN A CA  1 
HETATM 125 C  CB  . ORN A 1 16 ? -8.77579  -1.16611 9.17757   1.000 20.01808 ? 16  ORN A CB  1 
HETATM 126 C  CG  . ORN A 1 16 ? -8.06441  0.15885  8.99190   1.000 17.20430 ? 16  ORN A CG  1 
HETATM 127 C  CD  . ORN A 1 16 ? -6.57027  -0.02088 9.18812   1.000 18.85528 ? 16  ORN A CD  1 
HETATM 128 N  NE  . ORN A 1 16 ? -6.02218  -0.90001 8.17417   1.000 15.00040 ? 16  ORN A NE  1 
HETATM 129 C  C   . ORN A 1 16 ? -9.78017  -1.47155 6.90275   1.000 18.97222 ? 16  ORN A C   1 
HETATM 130 O  O   . ORN A 1 16 ? -9.31888  -2.51292 6.45107   1.000 20.46066 ? 16  ORN A O   1 
HETATM 131 CA CA  . CA  B 2 .  ? 10.07610  6.68893  -6.99326  0.33  17.39329 ? 101 CA  A CA  1 
HETATM 132 CA CA  . CA  C 2 .  ? -13.19987 2.67293  3.81972   0.33  27.83939 ? 102 CA  A CA  1 
HETATM 133 O  O   . HOH D 3 .  ? 8.07870   -5.01395 -10.65611 1.000 35.19965 ? 201 HOH A O   1 
HETATM 134 O  O   . HOH D 3 .  ? 8.33031   0.55121  -11.56442 1.000 25.68434 ? 202 HOH A O   1 
HETATM 135 O  O   . HOH D 3 .  ? -10.66470 2.03871  7.21451   1.000 24.53690 ? 203 HOH A O   1 
HETATM 136 O  O   . HOH D 3 .  ? 7.18186   4.60242  -12.62140 1.000 20.14650 ? 204 HOH A O   1 
HETATM 137 O  O   . HOH D 3 .  ? -9.00648  -4.77476 1.57556   1.000 17.61475 ? 205 HOH A O   1 
HETATM 138 O  O   . HOH D 3 .  ? 4.31570   6.53965  0.76628   1.000 17.85515 ? 206 HOH A O   1 
HETATM 139 O  O   . HOH D 3 .  ? -13.12224 -0.98419 5.65212   0.33  27.61987 ? 207 HOH A O   1 
HETATM 140 O  O   . HOH D 3 .  ? -13.07829 -3.05438 6.68939   0.33  21.72102 ? 208 HOH A O   1 
HETATM 141 O  O   . HOH D 3 .  ? -13.24659 4.87355  2.71710   0.33  20.55038 ? 209 HOH A O   1 
HETATM 142 O  O   . HOH D 3 .  ? 10.98288  4.75510  -7.97236  1.000 36.20014 ? 210 HOH A O   1 
HETATM 143 O  O   . HOH D 3 .  ? -11.38844 1.93871  10.03775  1.000 20.31248 ? 211 HOH A O   1 
# 
loop_
_atom_site_anisotrop.id 
_atom_site_anisotrop.type_symbol 
_atom_site_anisotrop.pdbx_label_atom_id 
_atom_site_anisotrop.pdbx_label_alt_id 
_atom_site_anisotrop.pdbx_label_comp_id 
_atom_site_anisotrop.pdbx_label_asym_id 
_atom_site_anisotrop.pdbx_label_seq_id 
_atom_site_anisotrop.pdbx_PDB_ins_code 
_atom_site_anisotrop.U[1][1] 
_atom_site_anisotrop.U[2][2] 
_atom_site_anisotrop.U[3][3] 
_atom_site_anisotrop.U[1][2] 
_atom_site_anisotrop.U[1][3] 
_atom_site_anisotrop.U[2][3] 
_atom_site_anisotrop.pdbx_auth_seq_id 
_atom_site_anisotrop.pdbx_auth_comp_id 
_atom_site_anisotrop.pdbx_auth_asym_id 
_atom_site_anisotrop.pdbx_auth_atom_id 
1   N  N   . ASP A 1  ? 0.24775 0.30256 0.23827 0.01914  0.02306  -0.01543 1   ASP A N   
2   C  CA  . ASP A 1  ? 0.26267 0.30339 0.25108 0.01694  0.01568  -0.01373 1   ASP A CA  
3   C  C   . ASP A 1  ? 0.25157 0.28376 0.22746 0.01325  0.01536  -0.01041 1   ASP A C   
4   O  O   . ASP A 1  ? 0.23993 0.27502 0.20728 0.01377  0.01819  -0.01094 1   ASP A O   
5   C  CB  . ASP A 1  ? 0.26173 0.29432 0.25106 0.02133  0.01031  -0.01874 1   ASP A CB  
6   C  CG  . ASP A 1  ? 0.35716 0.39590 0.36255 0.02489  0.00819  -0.01955 1   ASP A CG  
7   O  OD1 . ASP A 1  ? 0.23910 0.28781 0.25356 0.02283  0.00978  -0.01671 1   ASP A OD1 
8   O  OD2 . ASP A 1  ? 0.29364 0.32767 0.30504 0.02979  0.00524  -0.02258 1   ASP A OD2 
9   N  N   . GLN A 2  ? 0.19698 0.21996 0.17203 0.00915  0.01192  -0.00767 2   GLN A N   
10  C  CA  . GLN A 2  ? 0.20557 0.21844 0.17057 0.00646  0.01109  -0.00563 2   GLN A CA  
11  C  C   . GLN A 2  ? 0.23864 0.24007 0.19639 0.00789  0.00482  -0.00919 2   GLN A C   
12  O  O   . GLN A 2  ? 0.27161 0.27070 0.23291 0.00825  -0.00001 -0.01027 2   GLN A O   
13  C  CB  . GLN A 2  ? 0.16602 0.17528 0.13561 0.00077  0.01305  -0.00185 2   GLN A CB  
14  C  CG  . GLN A 2  ? 0.20120 0.22038 0.18014 -0.00048 0.02015  0.00412  2   GLN A CG  
15  C  CD  . GLN A 2  ? 0.21110 0.22545 0.19960 -0.00604 0.02383  0.00719  2   GLN A CD  
16  O  OE1 . GLN A 2  ? 0.20338 0.21549 0.19828 -0.00979 0.02275  0.00288  2   GLN A OE1 
17  N  NE2 . GLN A 2  ? 0.23672 0.25071 0.22806 -0.00696 0.02848  0.01453  2   GLN A NE2 
18  N  N   . TRP A 3  ? 0.19697 0.19292 0.14581 0.00839  0.00466  -0.00992 3   TRP A N   
19  C  CA  . TRP A 3  ? 0.21604 0.20010 0.15929 0.00885  -0.00042 -0.01186 3   TRP A CA  
20  C  C   . TRP A 3  ? 0.21974 0.19592 0.15723 0.00393  -0.00045 -0.00819 3   TRP A C   
21  O  O   . TRP A 3  ? 0.21133 0.18956 0.14729 0.00215  0.00328  -0.00530 3   TRP A O   
22  C  CB  . TRP A 3  ? 0.24565 0.22887 0.18481 0.01172  0.00001  -0.01668 3   TRP A CB  
23  C  CG  . TRP A 3  ? 0.25166 0.22204 0.18810 0.01224  -0.00448 -0.01838 3   TRP A CG  
24  C  CD1 . TRP A 3  ? 0.24864 0.21282 0.19145 0.01498  -0.00865 -0.01858 3   TRP A CD1 
25  C  CD2 . TRP A 3  ? 0.25866 0.22208 0.18763 0.00990  -0.00515 -0.01866 3   TRP A CD2 
26  N  NE1 . TRP A 3  ? 0.23546 0.18826 0.17527 0.01441  -0.01136 -0.01858 3   TRP A NE1 
27  C  CE2 . TRP A 3  ? 0.27402 0.22601 0.20510 0.01113  -0.00919 -0.01953 3   TRP A CE2 
28  C  CE3 . TRP A 3  ? 0.27432 0.24129 0.19691 0.00684  -0.00293 -0.01699 3   TRP A CE3 
29  C  CZ2 . TRP A 3  ? 0.29060 0.23376 0.21726 0.00902  -0.01053 -0.01998 3   TRP A CZ2 
30  C  CZ3 . TRP A 3  ? 0.32663 0.28593 0.24480 0.00488  -0.00489 -0.01768 3   TRP A CZ3 
31  C  CH2 . TRP A 3  ? 0.28877 0.23582 0.20877 0.00579  -0.00839 -0.01980 3   TRP A CH2 
32  N  N   . MLE A 4  ? 0.23314 0.20204 0.16851 0.00151  -0.00431 -0.00770 4   MLE A N   
33  C  CN  . MLE A 4  ? 0.20808 0.17789 0.14701 0.00320  -0.00960 -0.00804 4   MLE A CN  
34  C  CA  . MLE A 4  ? 0.22207 0.18344 0.15202 -0.00338 -0.00313 -0.00596 4   MLE A CA  
35  C  CB  . MLE A 4  ? 0.22874 0.19017 0.15955 -0.00893 -0.00291 -0.00661 4   MLE A CB  
36  C  CG  . MLE A 4  ? 0.28764 0.25533 0.22800 -0.01164 0.00288  -0.00698 4   MLE A CG  
37  C  CD1 . MLE A 4  ? 0.28457 0.25012 0.22543 -0.01894 0.00478  -0.01058 4   MLE A CD1 
38  C  CD2 . MLE A 4  ? 0.31474 0.29279 0.26317 -0.00891 0.00215  -0.00730 4   MLE A CD2 
39  C  C   . MLE A 4  ? 0.23945 0.19112 0.16210 -0.00273 -0.00646 -0.00582 4   MLE A C   
40  O  O   . MLE A 4  ? 0.26372 0.21215 0.18589 -0.00088 -0.01140 -0.00573 4   MLE A O   
41  N  N   . GLN A 5  ? 0.21900 0.16710 0.13869 -0.00400 -0.00393 -0.00471 5   GLN A N   
42  C  CA  . GLN A 5  ? 0.22795 0.16750 0.14272 -0.00395 -0.00665 -0.00481 5   GLN A CA  
43  C  C   . GLN A 5  ? 0.25317 0.18581 0.16343 -0.00848 -0.00710 -0.00276 5   GLN A C   
44  O  O   . GLN A 5  ? 0.26926 0.20155 0.17975 -0.01239 -0.00266 -0.00219 5   GLN A O   
45  C  CB  . GLN A 5  ? 0.24121 0.18232 0.15534 -0.00418 -0.00444 -0.00435 5   GLN A CB  
46  C  CG  . GLN A 5  ? 0.22430 0.15742 0.13533 -0.00467 -0.00713 -0.00549 5   GLN A CG  
47  C  CD  . GLN A 5  ? 0.26198 0.20002 0.17294 -0.00594 -0.00581 -0.00485 5   GLN A CD  
48  O  OE1 . GLN A 5  ? 0.24449 0.18801 0.15809 -0.00763 -0.00253 0.00000  5   GLN A OE1 
49  N  NE2 . GLN A 5  ? 0.25322 0.19022 0.16320 -0.00548 -0.00840 -0.00956 5   GLN A NE2 
50  N  N   . VAL A 6  ? 0.25796 0.18611 0.16544 -0.00816 -0.01182 -0.00135 6   VAL A N   
51  C  CA  . VAL A 6  ? 0.27856 0.20334 0.17944 -0.01321 -0.01256 0.00128  6   VAL A CA  
52  C  C   . VAL A 6  ? 0.26972 0.18570 0.16793 -0.01362 -0.01361 0.00407  6   VAL A C   
53  O  O   . VAL A 6  ? 0.30131 0.21328 0.20382 -0.00969 -0.01701 0.00502  6   VAL A O   
54  C  CB  . VAL A 6  ? 0.28570 0.21615 0.18543 -0.01393 -0.01770 0.00376  6   VAL A CB  
55  C  CG1 . VAL A 6  ? 0.27111 0.20158 0.16100 -0.02062 -0.01832 0.00654  6   VAL A CG1 
56  C  CG2 . VAL A 6  ? 0.27373 0.21360 0.17790 -0.01431 -0.01642 0.00026  6   VAL A CG2 
57  N  N   . ASP A 7  ? 0.23856 0.15144 0.13177 -0.01865 -0.00988 0.00474  7   ASP A N   
58  C  CA  . ASP A 7  ? 0.25668 0.16201 0.14796 -0.02005 -0.01014 0.00797  7   ASP A CA  
59  C  C   . ASP A 7  ? 0.28179 0.18780 0.16424 -0.02609 -0.00918 0.01103  7   ASP A C   
60  O  O   . ASP A 7  ? 0.28476 0.19141 0.16419 -0.03089 -0.00307 0.00821  7   ASP A O   
61  C  CB  . ASP A 7  ? 0.26966 0.17285 0.16489 -0.02053 -0.00552 0.00600  7   ASP A CB  
62  C  CG  . ASP A 7  ? 0.41875 0.31483 0.31409 -0.02242 -0.00546 0.00887  7   ASP A CG  
63  O  OD1 . ASP A 7  ? 0.33868 0.23048 0.23112 -0.02340 -0.00842 0.01303  7   ASP A OD1 
64  O  OD2 . ASP A 7  ? 0.48302 0.37892 0.38288 -0.02314 -0.00251 0.00817  7   ASP A OD2 
65  N  N   . ORN A 8  ? 0.27408 0.20644 0.11813 -0.05417 -0.00033 0.00443  8   ORN A N   
66  C  CA  . ORN A 8  ? 0.32208 0.24666 0.18015 -0.04531 -0.00178 0.00430  8   ORN A CA  
67  C  CB  . ORN A 8  ? 0.28755 0.21566 0.14921 -0.03949 -0.01120 0.00990  8   ORN A CB  
68  C  CG  . ORN A 8  ? 0.36067 0.28490 0.22293 -0.03598 -0.01772 0.02070  8   ORN A CG  
69  C  CD  . ORN A 8  ? 0.28058 0.19252 0.14891 -0.03280 -0.01479 0.02156  8   ORN A CD  
70  N  NE  . ORN A 8  ? 0.28540 0.19291 0.16460 -0.02610 -0.01501 0.01731  8   ORN A NE  
71  C  C   . ORN A 8  ? 0.26907 0.19411 0.13538 -0.04598 0.00524  -0.00520 8   ORN A C   
72  O  O   . ORN A 8  ? 0.27039 0.20201 0.13382 -0.05228 0.00918  -0.01255 8   ORN A O   
73  N  N   . GLU A 9  ? 0.26909 0.18787 0.14697 -0.03972 0.00680  -0.00452 9   GLU A N   
74  C  CA  . GLU A 9  ? 0.26568 0.18495 0.15498 -0.03902 0.01305  -0.00949 9   GLU A CA  
75  C  C   . GLU A 9  ? 0.27495 0.19663 0.17035 -0.03230 0.00802  -0.00688 9   GLU A C   
76  O  O   . GLU A 9  ? 0.24822 0.16849 0.14122 -0.02767 0.00151  -0.00255 9   GLU A O   
77  C  CB  . GLU A 9  ? 0.30035 0.21363 0.19868 -0.03803 0.01956  -0.00837 9   GLU A CB  
78  C  CG  . GLU A 9  ? 0.34545 0.25591 0.24061 -0.04411 0.02641  -0.01125 9   GLU A CG  
79  C  CD  . GLU A 9  ? 0.43185 0.34654 0.32542 -0.05146 0.03320  -0.02074 9   GLU A CD  
80  O  OE1 . GLU A 9  ? 0.50724 0.42634 0.38644 -0.05750 0.03209  -0.02331 9   GLU A OE1 
81  O  OE2 . GLU A 9  ? 0.46001 0.37464 0.36747 -0.05179 0.03985  -0.02558 9   GLU A OE2 
82  N  N   . VAL A 10 ? 0.25490 0.18034 0.15976 -0.03203 0.01193  -0.00984 10  VAL A N   
83  C  CA  . VAL A 10 ? 0.23098 0.16001 0.14289 -0.02600 0.00956  -0.00702 10  VAL A CA  
84  C  C   . VAL A 10 ? 0.24055 0.16758 0.16036 -0.02337 0.01339  -0.00310 10  VAL A C   
85  O  O   . VAL A 10 ? 0.24251 0.16819 0.17168 -0.02585 0.02059  -0.00317 10  VAL A O   
86  C  CB  . VAL A 10 ? 0.24479 0.18049 0.16428 -0.02739 0.01190  -0.01031 10  VAL A CB  
87  C  CG1 . VAL A 10 ? 0.24209 0.18305 0.16872 -0.02142 0.01072  -0.00651 10  VAL A CG1 
88  C  CG2 . VAL A 10 ? 0.24415 0.18501 0.15631 -0.03064 0.00683  -0.01362 10  VAL A CG2 
89  N  N   . THR A 11 ? 0.20876 0.13667 0.12644 -0.01874 0.00876  0.00014  11  THR A N   
90  C  CA  . THR A 11 ? 0.21621 0.14546 0.13945 -0.01722 0.01054  0.00441  11  THR A CA  
91  C  C   . THR A 11 ? 0.23514 0.17438 0.16284 -0.01353 0.00972  0.00739  11  THR A C   
92  O  O   . THR A 11 ? 0.28203 0.22642 0.21228 -0.01247 0.00931  0.01157  11  THR A O   
93  C  CB  . THR A 11 ? 0.26196 0.18602 0.17885 -0.01694 0.00645  0.00470  11  THR A CB  
94  O  OG1 . THR A 11 ? 0.26190 0.18680 0.17362 -0.01361 0.00051  0.00238  11  THR A OG1 
95  C  CG2 . THR A 11 ? 0.23500 0.15091 0.14666 -0.02105 0.00775  0.00334  11  THR A CG2 
96  N  N   . GLY A 12 ? 0.20886 0.15299 0.13728 -0.01204 0.00928  0.00564  12  GLY A N   
97  C  CA  . GLY A 12 ? 0.22725 0.18270 0.15923 -0.00911 0.00956  0.00877  12  GLY A CA  
98  C  C   . GLY A 12 ? 0.21048 0.17048 0.14367 -0.00768 0.00928  0.00590  12  GLY A C   
99  O  O   . GLY A 12 ? 0.22703 0.18223 0.15782 -0.00870 0.00732  0.00155  12  GLY A O   
100 N  N   . ILE A 13 ? 0.18844 0.16003 0.12580 -0.00567 0.01115  0.00936  13  ILE A N   
101 C  CA  . ILE A 13 ? 0.20220 0.18039 0.14275 -0.00409 0.01170  0.00731  13  ILE A CA  
102 C  C   . ILE A 13 ? 0.21416 0.20666 0.15398 -0.00157 0.01291  0.01020  13  ILE A C   
103 O  O   . ILE A 13 ? 0.23047 0.23037 0.17191 -0.00237 0.01487  0.01741  13  ILE A O   
104 C  CB  . ILE A 13 ? 0.24631 0.22347 0.19827 -0.00731 0.01639  0.00901  13  ILE A CB  
105 C  CG1 . ILE A 13 ? 0.28525 0.27014 0.24199 -0.00617 0.01658  0.00688  13  ILE A CG1 
106 C  CG2 . ILE A 13 ? 0.28398 0.26455 0.24732 -0.00868 0.02235  0.01766  13  ILE A CG2 
107 C  CD1 . ILE A 13 ? 0.26295 0.24544 0.22976 -0.01066 0.01949  0.00465  13  ILE A CD1 
108 N  N   . ILE A 14 ? 0.19994 0.19761 0.13719 0.00132  0.01153  0.00449  14  ILE A N   
109 C  CA  . ILE A 14 ? 0.26356 0.27678 0.19923 0.00329  0.01380  0.00430  14  ILE A CA  
110 C  C   . ILE A 14 ? 0.24003 0.26048 0.18426 0.00446  0.01702  0.00460  14  ILE A C   
111 O  O   . ILE A 14 ? 0.25437 0.26806 0.20318 0.00516  0.01508  0.00054  14  ILE A O   
112 C  CB  . ILE A 14 ? 0.24842 0.26263 0.17567 0.00563  0.01115  -0.00546 14  ILE A CB  
113 C  CG1 . ILE A 14 ? 0.33388 0.33942 0.25466 0.00391  0.00753  -0.00656 14  ILE A CG1 
114 C  CG2 . ILE A 14 ? 0.33864 0.37142 0.26236 0.00630  0.01479  -0.00770 14  ILE A CG2 
115 C  CD1 . ILE A 14 ? 0.44794 0.46709 0.36554 0.00123  0.00912  0.00088  14  ILE A CD1 
116 N  N   . THR A 15 ? 0.18983 0.22621 0.13630 0.00434  0.02166  0.01010  15  THR A N   
117 C  CA  . THR A 15 ? 0.18710 0.23300 0.14173 0.00560  0.02543  0.00988  15  THR A CA  
118 C  C   . THR A 15 ? 0.18624 0.24589 0.13404 0.00810  0.02742  0.00349  15  THR A C   
119 O  O   . THR A 15 ? 0.18030 0.25387 0.12063 0.00670  0.02976  0.00693  15  THR A O   
120 C  CB  . THR A 15 ? 0.24778 0.30202 0.21372 0.00294  0.03094  0.02215  15  THR A CB  
121 O  OG1 . THR A 15 ? 0.27169 0.31201 0.24596 0.00018  0.03044  0.02502  15  THR A OG1 
122 C  CG2 . THR A 15 ? 0.22265 0.28705 0.19864 0.00370  0.03520  0.02221  15  THR A CG2 
123 N  N   . ORN A 16 ? 0.30086 0.39596 0.29737 0.01475  0.04266  -0.00178 16  ORN A N   
124 C  CA  . ORN A 16 ? 0.30878 0.39091 0.29547 0.01733  0.03677  -0.01038 16  ORN A CA  
125 C  CB  . ORN A 16 ? 0.23556 0.31913 0.20590 0.01547  0.03731  -0.00938 16  ORN A CB  
126 C  CG  . ORN A 16 ? 0.20652 0.27927 0.16790 0.01756  0.03290  -0.01934 16  ORN A CG  
127 C  CD  . ORN A 16 ? 0.23303 0.30212 0.18127 0.01407  0.03033  -0.01512 16  ORN A CD  
128 N  NE  . ORN A 16 ? 0.18705 0.24424 0.13866 0.01160  0.02675  -0.00627 16  ORN A NE  
129 C  C   . ORN A 16 ? 0.22202 0.28725 0.21158 0.01579  0.02923  -0.00881 16  ORN A C   
130 O  O   . ORN A 16 ? 0.24195 0.30283 0.23264 0.01149  0.02887  -0.00200 16  ORN A O   
131 CA CA  . CA  B .  ? 0.27645 0.20153 0.18290 -0.04425 -0.01343 0.00623  101 CA  A CA  
132 CA CA  . CA  C .  ? 0.33385 0.37880 0.34512 -0.00095 0.00048  -0.02253 102 CA  A CA  
133 O  O   . HOH D .  ? 0.50326 0.42087 0.41330 -0.06659 0.05724  -0.04621 201 HOH A O   
134 O  O   . HOH D .  ? 0.40027 0.32041 0.25521 -0.05895 0.02121  -0.00899 202 HOH A O   
135 O  O   . HOH D .  ? 0.29184 0.35252 0.28793 0.02894  0.02746  -0.03272 203 HOH A O   
136 O  O   . HOH D .  ? 0.33429 0.25952 0.17167 -0.05331 -0.00632 0.02548  204 HOH A O   
137 O  O   . HOH D .  ? 0.21185 0.24069 0.21674 -0.00690 0.01600  -0.00384 205 HOH A O   
138 O  O   . HOH D .  ? 0.28058 0.20099 0.19686 -0.00042 -0.01355 -0.01584 206 HOH A O   
139 O  O   . HOH D .  ? 0.32812 0.38014 0.34117 -0.00110 0.00055  -0.02608 207 HOH A O   
140 O  O   . HOH D .  ? 0.25450 0.30391 0.26689 -0.00105 0.00053  -0.02477 208 HOH A O   
141 O  O   . HOH D .  ? 0.24631 0.27980 0.25470 -0.00071 0.00036  -0.01679 209 HOH A O   
142 O  O   . HOH D .  ? 0.53415 0.42304 0.41824 -0.03666 0.00514  0.01636  210 HOH A O   
143 O  O   . HOH D .  ? 0.22838 0.32411 0.21929 0.02903  0.04595  -0.04211 211 HOH A O   
# 
